data_1T1S
#
_entry.id   1T1S
#
_cell.length_a   182.917
_cell.length_b   59.246
_cell.length_c   86.988
_cell.angle_alpha   90.00
_cell.angle_beta   90.00
_cell.angle_gamma   90.00
#
_symmetry.space_group_name_H-M   'P 21 21 2'
#
loop_
_entity.id
_entity.type
_entity.pdbx_description
1 polymer '1-deoxy-D-xylulose 5-phosphate reductoisomerase'
2 non-polymer 'SULFATE ION'
3 non-polymer 'MAGNESIUM ION'
4 non-polymer '[(5-CHLORO-PYRIDIN-2-YLAMINO)-PHOSPHONO-METHYL]-PHOSPHONIC ACID'
5 water water
#
_entity_poly.entity_id   1
_entity_poly.type   'polypeptide(L)'
_entity_poly.pdbx_seq_one_letter_code
;GKQLTILGSTGSIGCSTLDVVRHNPEHFRVVALVAGKNVTRMVEQCLEFSPRYAVMDDEASAKLLKTMLQQQGSRTEVLS
GQQAACDMAALEDVDQVMAAIVGAAGLLPTLAAIRAGKTILLANKESLVTCGRLFMDAVKQSKAQLLPVDSEHNAIFQSL
PQPIQHNLGYADLEQNGVVSILLTGSGGPFRETPLRDLATMTPDQACRHPNWSMGRKISVDSATMMNKGLEYIEARWLFN
ASASQMEVLIHPQSVIHSMVRYQDGSVLAQLGEPDMRTPIAHTMAWPNRVNSGVKPLDFCKLSALTFAAPDYDRYPCLKL
AMEAFEQGQAATTALNAANEITVAAFLAQQIRFTDIAALNLSVLEKMDMREPQCVDDVLSVDANAREVARKEVMRLAS
;
_entity_poly.pdbx_strand_id   A,B
#
# COMPACT_ATOMS: atom_id res chain seq x y z
N GLY A 1 -4.07 24.86 -14.45
CA GLY A 1 -4.87 23.63 -14.18
C GLY A 1 -5.66 23.78 -12.89
N LYS A 2 -5.03 23.52 -11.76
CA LYS A 2 -5.70 23.67 -10.48
C LYS A 2 -5.41 25.04 -9.87
N GLN A 3 -6.47 25.77 -9.55
CA GLN A 3 -6.34 27.09 -8.94
C GLN A 3 -6.23 26.83 -7.44
N LEU A 4 -5.36 27.55 -6.75
CA LEU A 4 -5.27 27.29 -5.32
C LEU A 4 -4.94 28.47 -4.41
N THR A 5 -5.42 28.35 -3.19
CA THR A 5 -5.18 29.32 -2.15
C THR A 5 -4.34 28.57 -1.11
N ILE A 6 -3.29 29.23 -0.63
CA ILE A 6 -2.45 28.63 0.38
C ILE A 6 -2.59 29.39 1.69
N LEU A 7 -3.25 28.76 2.67
CA LEU A 7 -3.44 29.34 4.00
C LEU A 7 -2.19 29.00 4.82
N GLY A 8 -1.40 30.02 5.14
CA GLY A 8 -0.17 29.81 5.89
C GLY A 8 0.94 29.48 4.92
N SER A 9 1.13 30.33 3.92
CA SER A 9 2.15 30.08 2.90
C SER A 9 3.61 30.22 3.33
N THR A 10 3.89 31.08 4.31
CA THR A 10 5.28 31.29 4.74
C THR A 10 5.81 30.23 5.69
N GLY A 11 4.98 29.29 6.10
CA GLY A 11 5.44 28.26 7.01
C GLY A 11 6.13 27.13 6.28
N SER A 12 6.49 26.09 7.03
CA SER A 12 7.16 24.93 6.45
C SER A 12 6.29 24.26 5.39
N ILE A 13 5.06 23.93 5.73
CA ILE A 13 4.15 23.29 4.79
C ILE A 13 3.95 24.15 3.55
N GLY A 14 3.70 25.44 3.76
CA GLY A 14 3.49 26.35 2.66
C GLY A 14 4.64 26.46 1.67
N CYS A 15 5.87 26.56 2.18
CA CYS A 15 7.02 26.65 1.29
C CYS A 15 7.17 25.36 0.48
N SER A 16 6.92 24.24 1.14
CA SER A 16 7.00 22.94 0.50
C SER A 16 5.96 22.81 -0.60
N THR A 17 4.76 23.29 -0.36
CA THR A 17 3.73 23.19 -1.39
C THR A 17 4.08 24.10 -2.58
N LEU A 18 4.71 25.24 -2.32
CA LEU A 18 5.09 26.14 -3.41
C LEU A 18 6.22 25.49 -4.22
N ASP A 19 7.06 24.70 -3.56
CA ASP A 19 8.16 24.05 -4.25
C ASP A 19 7.57 23.03 -5.22
N VAL A 20 6.49 22.37 -4.82
CA VAL A 20 5.82 21.39 -5.67
C VAL A 20 5.21 22.11 -6.86
N VAL A 21 4.70 23.33 -6.61
CA VAL A 21 4.10 24.14 -7.65
C VAL A 21 5.19 24.55 -8.64
N ARG A 22 6.35 24.92 -8.12
CA ARG A 22 7.48 25.33 -8.93
C ARG A 22 7.90 24.16 -9.82
N HIS A 23 7.77 22.94 -9.30
CA HIS A 23 8.09 21.73 -10.04
C HIS A 23 7.01 21.43 -11.09
N ASN A 24 5.83 22.03 -10.93
CA ASN A 24 4.72 21.78 -11.86
C ASN A 24 3.94 23.04 -12.26
N PRO A 25 4.61 24.01 -12.91
CA PRO A 25 3.99 25.27 -13.35
C PRO A 25 2.71 25.11 -14.15
N GLU A 26 2.70 24.11 -15.02
CA GLU A 26 1.57 23.84 -15.89
C GLU A 26 0.32 23.28 -15.20
N HIS A 27 0.50 22.66 -14.04
CA HIS A 27 -0.66 22.08 -13.36
C HIS A 27 -1.22 22.81 -12.16
N PHE A 28 -0.49 23.81 -11.65
CA PHE A 28 -0.99 24.57 -10.50
C PHE A 28 -0.72 26.05 -10.64
N ARG A 29 -1.71 26.85 -10.29
CA ARG A 29 -1.56 28.29 -10.35
C ARG A 29 -2.02 28.87 -9.01
N VAL A 30 -1.16 29.69 -8.42
CA VAL A 30 -1.48 30.31 -7.14
C VAL A 30 -2.34 31.56 -7.33
N VAL A 31 -3.52 31.55 -6.70
CA VAL A 31 -4.45 32.66 -6.76
C VAL A 31 -4.30 33.52 -5.52
N ALA A 32 -4.05 32.89 -4.38
CA ALA A 32 -3.91 33.63 -3.13
C ALA A 32 -3.01 32.99 -2.10
N LEU A 33 -2.22 33.83 -1.44
CA LEU A 33 -1.31 33.41 -0.38
C LEU A 33 -1.76 34.15 0.88
N VAL A 34 -1.82 33.43 1.99
CA VAL A 34 -2.22 34.02 3.27
C VAL A 34 -1.18 33.66 4.33
N ALA A 35 -0.78 34.64 5.14
CA ALA A 35 0.22 34.41 6.16
C ALA A 35 0.05 35.33 7.37
N GLY A 36 1.02 35.29 8.28
CA GLY A 36 0.94 36.11 9.48
C GLY A 36 1.66 37.45 9.48
N LYS A 37 2.94 37.45 9.82
CA LYS A 37 3.72 38.68 9.87
C LYS A 37 5.04 38.64 9.09
N ASN A 38 5.36 37.48 8.54
CA ASN A 38 6.60 37.30 7.77
C ASN A 38 6.50 37.94 6.39
N VAL A 39 6.49 39.27 6.33
CA VAL A 39 6.37 39.97 5.06
C VAL A 39 7.52 39.69 4.08
N THR A 40 8.71 39.46 4.61
CA THR A 40 9.87 39.19 3.76
C THR A 40 9.61 37.96 2.87
N ARG A 41 9.14 36.88 3.48
CA ARG A 41 8.84 35.66 2.74
C ARG A 41 7.69 35.92 1.80
N MET A 42 6.64 36.56 2.30
CA MET A 42 5.47 36.85 1.49
C MET A 42 5.86 37.60 0.21
N VAL A 43 6.77 38.55 0.31
CA VAL A 43 7.22 39.32 -0.84
C VAL A 43 7.87 38.41 -1.88
N GLU A 44 8.76 37.54 -1.43
CA GLU A 44 9.44 36.61 -2.34
C GLU A 44 8.45 35.66 -3.01
N GLN A 45 7.50 35.14 -2.22
CA GLN A 45 6.50 34.23 -2.75
C GLN A 45 5.60 34.97 -3.75
N CYS A 46 5.19 36.18 -3.39
CA CYS A 46 4.32 36.96 -4.27
C CYS A 46 5.01 37.28 -5.59
N LEU A 47 6.30 37.58 -5.52
CA LEU A 47 7.08 37.90 -6.70
C LEU A 47 7.27 36.69 -7.60
N GLU A 48 7.48 35.52 -6.98
CA GLU A 48 7.71 34.30 -7.75
C GLU A 48 6.46 33.66 -8.34
N PHE A 49 5.33 33.78 -7.65
CA PHE A 49 4.11 33.14 -8.15
C PHE A 49 3.01 34.07 -8.63
N SER A 50 3.23 35.38 -8.53
CA SER A 50 2.27 36.37 -8.98
C SER A 50 0.83 36.03 -8.61
N PRO A 51 0.53 35.94 -7.30
CA PRO A 51 -0.83 35.62 -6.90
C PRO A 51 -1.73 36.82 -7.12
N ARG A 52 -3.05 36.62 -7.10
CA ARG A 52 -3.95 37.74 -7.26
C ARG A 52 -4.04 38.46 -5.93
N TYR A 53 -4.25 37.70 -4.86
CA TYR A 53 -4.35 38.30 -3.54
C TYR A 53 -3.27 37.76 -2.60
N ALA A 54 -3.04 38.50 -1.53
CA ALA A 54 -2.09 38.14 -0.49
C ALA A 54 -2.60 38.84 0.75
N VAL A 55 -2.74 38.11 1.85
CA VAL A 55 -3.22 38.73 3.08
C VAL A 55 -2.35 38.41 4.28
N MET A 56 -2.18 39.40 5.14
CA MET A 56 -1.37 39.23 6.34
C MET A 56 -2.25 39.37 7.58
N ASP A 57 -1.71 38.94 8.72
CA ASP A 57 -2.41 38.99 9.99
C ASP A 57 -3.03 40.35 10.30
N ASP A 58 -2.27 41.42 10.10
CA ASP A 58 -2.80 42.76 10.37
C ASP A 58 -2.42 43.84 9.38
N GLU A 59 -2.99 45.02 9.62
CA GLU A 59 -2.79 46.20 8.80
C GLU A 59 -1.33 46.64 8.66
N ALA A 60 -0.59 46.61 9.77
CA ALA A 60 0.80 47.01 9.74
C ALA A 60 1.59 46.13 8.77
N SER A 61 1.46 44.82 8.90
CA SER A 61 2.16 43.89 8.02
C SER A 61 1.67 44.08 6.60
N ALA A 62 0.37 44.29 6.44
CA ALA A 62 -0.25 44.49 5.13
C ALA A 62 0.33 45.74 4.46
N LYS A 63 0.27 46.86 5.17
CA LYS A 63 0.79 48.12 4.65
C LYS A 63 2.22 47.96 4.15
N LEU A 64 3.06 47.35 4.98
CA LEU A 64 4.45 47.15 4.58
C LEU A 64 4.55 46.25 3.35
N LEU A 65 3.69 45.24 3.28
CA LEU A 65 3.71 44.33 2.14
C LEU A 65 3.24 45.05 0.87
N LYS A 66 2.14 45.77 0.97
CA LYS A 66 1.60 46.49 -0.17
C LYS A 66 2.64 47.41 -0.81
N THR A 67 3.28 48.24 0.01
CA THR A 67 4.29 49.16 -0.49
C THR A 67 5.51 48.45 -1.08
N MET A 68 6.00 47.42 -0.41
CA MET A 68 7.15 46.68 -0.92
C MET A 68 6.83 45.95 -2.22
N LEU A 69 5.56 45.60 -2.41
CA LEU A 69 5.15 44.90 -3.63
C LEU A 69 5.03 45.89 -4.78
N GLN A 70 4.58 47.11 -4.47
CA GLN A 70 4.43 48.17 -5.46
C GLN A 70 5.82 48.57 -5.95
N GLN A 71 6.73 48.75 -5.00
CA GLN A 71 8.11 49.11 -5.31
C GLN A 71 8.76 48.18 -6.33
N GLN A 72 8.42 46.90 -6.27
CA GLN A 72 9.02 45.93 -7.18
C GLN A 72 8.11 45.46 -8.30
N GLY A 73 7.17 46.32 -8.69
CA GLY A 73 6.27 46.02 -9.79
C GLY A 73 5.17 44.99 -9.63
N SER A 74 5.06 44.39 -8.45
CA SER A 74 4.01 43.37 -8.23
C SER A 74 2.62 43.98 -8.26
N ARG A 75 1.68 43.27 -8.86
CA ARG A 75 0.30 43.75 -8.94
C ARG A 75 -0.63 43.04 -7.95
N THR A 76 -0.07 42.14 -7.14
CA THR A 76 -0.88 41.41 -6.17
C THR A 76 -1.56 42.37 -5.19
N GLU A 77 -2.86 42.22 -5.02
CA GLU A 77 -3.61 43.06 -4.09
C GLU A 77 -3.46 42.54 -2.66
N VAL A 78 -3.15 43.45 -1.73
CA VAL A 78 -2.93 43.08 -0.34
C VAL A 78 -4.13 43.33 0.58
N LEU A 79 -4.42 42.34 1.43
CA LEU A 79 -5.52 42.41 2.38
C LEU A 79 -5.01 41.99 3.76
N SER A 80 -5.83 42.15 4.78
CA SER A 80 -5.42 41.73 6.13
C SER A 80 -6.65 41.33 6.92
N GLY A 81 -6.45 40.58 8.00
CA GLY A 81 -7.58 40.17 8.83
C GLY A 81 -8.02 38.75 8.59
N GLN A 82 -8.75 38.19 9.56
CA GLN A 82 -9.24 36.83 9.45
C GLN A 82 -10.33 36.71 8.40
N GLN A 83 -11.21 37.70 8.32
CA GLN A 83 -12.27 37.63 7.32
C GLN A 83 -11.68 37.55 5.92
N ALA A 84 -10.61 38.32 5.68
CA ALA A 84 -9.94 38.32 4.38
C ALA A 84 -9.35 36.93 4.12
N ALA A 85 -8.85 36.31 5.19
CA ALA A 85 -8.27 34.98 5.09
C ALA A 85 -9.37 33.98 4.75
N CYS A 86 -10.50 34.08 5.43
CA CYS A 86 -11.63 33.19 5.18
C CYS A 86 -12.16 33.36 3.75
N ASP A 87 -12.17 34.61 3.27
CA ASP A 87 -12.66 34.88 1.92
C ASP A 87 -11.76 34.28 0.84
N MET A 88 -10.47 34.18 1.11
CA MET A 88 -9.54 33.63 0.13
C MET A 88 -9.74 32.12 -0.04
N ALA A 89 -10.16 31.46 1.03
CA ALA A 89 -10.39 30.02 1.01
C ALA A 89 -11.71 29.70 0.34
N ALA A 90 -12.52 30.72 0.10
CA ALA A 90 -13.83 30.54 -0.51
C ALA A 90 -13.97 31.20 -1.88
N LEU A 91 -12.85 31.66 -2.45
CA LEU A 91 -12.90 32.29 -3.76
C LEU A 91 -13.54 31.33 -4.76
N GLU A 92 -14.58 31.81 -5.43
CA GLU A 92 -15.32 31.01 -6.41
C GLU A 92 -14.48 30.26 -7.45
N ASP A 93 -13.40 30.87 -7.91
CA ASP A 93 -12.55 30.25 -8.92
C ASP A 93 -11.38 29.44 -8.35
N VAL A 94 -11.48 29.07 -7.07
CA VAL A 94 -10.43 28.28 -6.43
C VAL A 94 -10.90 26.84 -6.33
N ASP A 95 -10.01 25.93 -6.71
CA ASP A 95 -10.29 24.50 -6.69
C ASP A 95 -9.84 23.85 -5.38
N GLN A 96 -8.61 24.15 -4.97
CA GLN A 96 -8.02 23.58 -3.77
C GLN A 96 -7.43 24.61 -2.80
N VAL A 97 -7.60 24.38 -1.51
CA VAL A 97 -6.99 25.28 -0.57
C VAL A 97 -6.14 24.47 0.41
N MET A 98 -4.86 24.80 0.44
CA MET A 98 -3.91 24.16 1.32
C MET A 98 -4.16 24.82 2.68
N ALA A 99 -4.78 24.09 3.59
CA ALA A 99 -5.10 24.60 4.92
C ALA A 99 -3.92 24.33 5.87
N ALA A 100 -2.96 25.26 5.92
CA ALA A 100 -1.78 25.12 6.75
C ALA A 100 -1.64 26.13 7.90
N ILE A 101 -2.69 26.88 8.19
CA ILE A 101 -2.61 27.81 9.32
C ILE A 101 -2.98 26.92 10.51
N VAL A 102 -2.10 26.88 11.52
CA VAL A 102 -2.34 26.01 12.67
C VAL A 102 -3.00 26.72 13.86
N GLY A 103 -3.34 25.92 14.88
CA GLY A 103 -3.97 26.44 16.09
C GLY A 103 -5.42 26.87 15.91
N ALA A 104 -5.94 27.58 16.91
CA ALA A 104 -7.32 28.08 16.88
C ALA A 104 -7.52 28.94 15.64
N ALA A 105 -6.49 29.67 15.24
CA ALA A 105 -6.60 30.48 14.04
C ALA A 105 -6.69 29.42 12.96
N GLY A 106 -7.01 29.78 11.73
CA GLY A 106 -7.08 28.72 10.74
C GLY A 106 -8.33 27.86 10.87
N LEU A 107 -8.95 27.81 12.04
CA LEU A 107 -10.17 27.02 12.19
C LEU A 107 -11.25 27.58 11.26
N LEU A 108 -11.58 28.87 11.40
CA LEU A 108 -12.59 29.47 10.54
C LEU A 108 -12.17 29.48 9.08
N PRO A 109 -10.89 29.73 8.78
CA PRO A 109 -10.48 29.73 7.38
C PRO A 109 -10.63 28.36 6.72
N THR A 110 -10.31 27.28 7.43
CA THR A 110 -10.45 25.97 6.81
C THR A 110 -11.95 25.65 6.72
N LEU A 111 -12.72 26.01 7.74
CA LEU A 111 -14.15 25.75 7.69
C LEU A 111 -14.77 26.55 6.53
N ALA A 112 -14.22 27.73 6.24
CA ALA A 112 -14.72 28.53 5.13
C ALA A 112 -14.56 27.78 3.82
N ALA A 113 -13.41 27.11 3.66
CA ALA A 113 -13.15 26.33 2.44
C ALA A 113 -14.10 25.14 2.34
N ILE A 114 -14.29 24.45 3.46
CA ILE A 114 -15.19 23.30 3.50
C ILE A 114 -16.59 23.76 3.13
N ARG A 115 -17.00 24.89 3.72
CA ARG A 115 -18.32 25.46 3.50
C ARG A 115 -18.57 25.87 2.03
N ALA A 116 -17.48 26.14 1.28
CA ALA A 116 -17.60 26.52 -0.11
C ALA A 116 -17.44 25.29 -1.03
N GLY A 117 -17.50 24.11 -0.43
CA GLY A 117 -17.39 22.85 -1.18
C GLY A 117 -16.11 22.58 -1.96
N LYS A 118 -15.01 23.19 -1.54
CA LYS A 118 -13.75 23.00 -2.25
C LYS A 118 -12.90 21.83 -1.76
N THR A 119 -11.82 21.55 -2.48
CA THR A 119 -10.92 20.48 -2.08
C THR A 119 -9.96 21.07 -1.04
N ILE A 120 -9.98 20.49 0.15
CA ILE A 120 -9.12 20.95 1.22
C ILE A 120 -7.93 20.03 1.44
N LEU A 121 -6.74 20.61 1.32
CA LEU A 121 -5.48 19.89 1.57
C LEU A 121 -5.30 20.18 3.06
N LEU A 122 -5.82 19.30 3.90
CA LEU A 122 -5.78 19.49 5.35
C LEU A 122 -4.41 19.27 5.99
N ALA A 123 -3.77 20.37 6.38
CA ALA A 123 -2.46 20.34 7.04
C ALA A 123 -2.62 21.10 8.35
N ASN A 124 -3.76 20.90 8.99
CA ASN A 124 -4.12 21.55 10.23
C ASN A 124 -4.83 20.52 11.13
N LYS A 125 -4.15 20.09 12.19
CA LYS A 125 -4.73 19.11 13.11
C LYS A 125 -5.85 19.68 13.97
N GLU A 126 -5.70 20.93 14.37
CA GLU A 126 -6.69 21.61 15.19
C GLU A 126 -8.12 21.34 14.72
N SER A 127 -8.32 21.37 13.41
CA SER A 127 -9.64 21.15 12.84
C SER A 127 -10.31 19.86 13.33
N LEU A 128 -9.65 18.72 13.13
CA LEU A 128 -10.21 17.44 13.55
C LEU A 128 -10.02 17.11 15.02
N VAL A 129 -9.02 17.71 15.66
CA VAL A 129 -8.80 17.44 17.08
C VAL A 129 -9.83 18.16 17.94
N THR A 130 -10.20 19.37 17.54
CA THR A 130 -11.17 20.16 18.31
C THR A 130 -12.57 20.18 17.71
N CYS A 131 -12.67 20.25 16.39
CA CYS A 131 -13.98 20.29 15.73
C CYS A 131 -14.27 19.04 14.87
N GLY A 132 -13.73 17.91 15.27
CA GLY A 132 -13.93 16.67 14.52
C GLY A 132 -15.32 16.45 13.95
N ARG A 133 -16.32 16.40 14.82
CA ARG A 133 -17.70 16.20 14.39
C ARG A 133 -18.24 17.37 13.57
N LEU A 134 -18.00 18.58 14.05
CA LEU A 134 -18.48 19.77 13.34
C LEU A 134 -17.98 19.80 11.90
N PHE A 135 -16.66 19.67 11.74
CA PHE A 135 -16.07 19.71 10.41
C PHE A 135 -16.48 18.55 9.50
N MET A 136 -16.56 17.34 10.05
CA MET A 136 -16.94 16.19 9.22
C MET A 136 -18.40 16.30 8.79
N ASP A 137 -19.24 16.86 9.65
CA ASP A 137 -20.64 17.03 9.29
C ASP A 137 -20.70 18.11 8.22
N ALA A 138 -19.84 19.11 8.38
CA ALA A 138 -19.77 20.20 7.43
C ALA A 138 -19.31 19.74 6.03
N VAL A 139 -18.28 18.90 5.94
CA VAL A 139 -17.83 18.48 4.62
C VAL A 139 -18.91 17.59 4.02
N LYS A 140 -19.68 16.94 4.88
CA LYS A 140 -20.75 16.06 4.45
C LYS A 140 -21.86 16.88 3.78
N GLN A 141 -22.19 18.03 4.38
CA GLN A 141 -23.22 18.92 3.84
C GLN A 141 -22.78 19.55 2.51
N SER A 142 -21.55 20.05 2.46
CA SER A 142 -21.03 20.69 1.27
C SER A 142 -20.47 19.74 0.22
N LYS A 143 -20.08 18.55 0.67
CA LYS A 143 -19.50 17.57 -0.22
C LYS A 143 -18.11 18.05 -0.64
N ALA A 144 -17.43 18.74 0.26
CA ALA A 144 -16.07 19.20 -0.02
C ALA A 144 -15.20 17.97 0.15
N GLN A 145 -14.12 17.90 -0.61
CA GLN A 145 -13.21 16.76 -0.53
C GLN A 145 -12.04 17.04 0.41
N LEU A 146 -11.89 16.23 1.45
CA LEU A 146 -10.77 16.38 2.37
C LEU A 146 -9.65 15.49 1.91
N LEU A 147 -8.45 16.05 1.82
CA LEU A 147 -7.27 15.31 1.42
C LEU A 147 -6.23 15.61 2.51
N PRO A 148 -6.01 14.65 3.42
CA PRO A 148 -5.07 14.75 4.53
C PRO A 148 -3.61 14.87 4.13
N VAL A 149 -2.96 15.95 4.58
CA VAL A 149 -1.56 16.21 4.29
C VAL A 149 -0.56 15.64 5.30
N ASP A 150 -0.92 15.60 6.59
CA ASP A 150 0.04 15.06 7.55
C ASP A 150 0.41 13.62 7.16
N SER A 151 1.68 13.30 7.32
CA SER A 151 2.27 12.00 6.97
C SER A 151 1.48 10.73 7.29
N GLU A 152 1.00 10.60 8.52
CA GLU A 152 0.24 9.42 8.94
C GLU A 152 -1.13 9.28 8.30
N HIS A 153 -1.91 10.35 8.33
CA HIS A 153 -3.26 10.34 7.76
C HIS A 153 -3.21 10.22 6.23
N ASN A 154 -2.17 10.79 5.63
CA ASN A 154 -2.01 10.72 4.19
C ASN A 154 -1.73 9.26 3.80
N ALA A 155 -0.81 8.63 4.53
CA ALA A 155 -0.46 7.25 4.28
C ALA A 155 -1.69 6.34 4.35
N ILE A 156 -2.53 6.57 5.34
CA ILE A 156 -3.75 5.79 5.51
C ILE A 156 -4.65 6.00 4.29
N PHE A 157 -4.84 7.27 3.94
CA PHE A 157 -5.67 7.64 2.79
C PHE A 157 -5.18 6.86 1.56
N GLN A 158 -3.89 6.94 1.28
CA GLN A 158 -3.33 6.23 0.13
C GLN A 158 -3.54 4.74 0.16
N SER A 159 -3.67 4.18 1.37
CA SER A 159 -3.85 2.74 1.51
C SER A 159 -5.29 2.31 1.70
N LEU A 160 -6.23 3.25 1.55
CA LEU A 160 -7.66 2.99 1.70
C LEU A 160 -8.27 2.77 0.30
N PRO A 161 -9.32 1.96 0.20
CA PRO A 161 -9.87 1.77 -1.14
C PRO A 161 -10.51 3.04 -1.70
N GLN A 162 -10.48 3.17 -3.03
CA GLN A 162 -11.02 4.32 -3.74
C GLN A 162 -12.39 4.82 -3.26
N PRO A 163 -13.35 3.91 -3.02
CA PRO A 163 -14.67 4.33 -2.56
C PRO A 163 -14.63 5.12 -1.25
N ILE A 164 -13.65 4.83 -0.40
CA ILE A 164 -13.55 5.55 0.85
C ILE A 164 -12.88 6.89 0.62
N GLN A 165 -11.85 6.90 -0.23
CA GLN A 165 -11.13 8.12 -0.54
C GLN A 165 -12.05 9.23 -1.06
N HIS A 166 -13.01 8.87 -1.89
CA HIS A 166 -13.95 9.84 -2.46
C HIS A 166 -15.15 10.16 -1.57
N ASN A 167 -15.19 9.56 -0.38
CA ASN A 167 -16.31 9.79 0.55
C ASN A 167 -15.87 9.80 2.01
N LEU A 168 -14.74 10.46 2.31
CA LEU A 168 -14.23 10.49 3.68
C LEU A 168 -15.27 10.76 4.75
N GLY A 169 -15.11 10.05 5.87
CA GLY A 169 -16.02 10.19 7.00
C GLY A 169 -17.39 9.60 6.70
N TYR A 170 -17.84 9.82 5.48
CA TYR A 170 -19.14 9.36 4.99
C TYR A 170 -19.15 7.86 4.63
N ALA A 171 -18.00 7.32 4.25
CA ALA A 171 -17.91 5.91 3.87
C ALA A 171 -17.82 4.97 5.07
N ASP A 172 -18.25 3.73 4.85
CA ASP A 172 -18.24 2.71 5.88
C ASP A 172 -17.07 1.79 5.62
N LEU A 173 -16.15 1.74 6.59
CA LEU A 173 -14.94 0.92 6.49
C LEU A 173 -15.25 -0.58 6.37
N GLU A 174 -16.15 -1.08 7.22
CA GLU A 174 -16.51 -2.49 7.19
C GLU A 174 -17.07 -2.91 5.84
N GLN A 175 -18.04 -2.15 5.32
CA GLN A 175 -18.64 -2.47 4.03
C GLN A 175 -17.61 -2.47 2.91
N ASN A 176 -16.49 -1.79 3.12
CA ASN A 176 -15.45 -1.74 2.10
C ASN A 176 -14.26 -2.65 2.39
N GLY A 177 -14.48 -3.65 3.22
CA GLY A 177 -13.44 -4.61 3.52
C GLY A 177 -12.29 -4.19 4.42
N VAL A 178 -12.42 -3.03 5.08
CA VAL A 178 -11.36 -2.57 5.96
C VAL A 178 -11.63 -3.03 7.38
N VAL A 179 -10.64 -3.70 7.96
CA VAL A 179 -10.72 -4.21 9.33
C VAL A 179 -10.28 -3.13 10.29
N SER A 180 -9.20 -2.42 9.97
CA SER A 180 -8.71 -1.37 10.86
C SER A 180 -7.64 -0.46 10.26
N ILE A 181 -7.43 0.66 10.96
CA ILE A 181 -6.45 1.67 10.60
C ILE A 181 -5.24 1.51 11.52
N LEU A 182 -4.07 1.26 10.94
CA LEU A 182 -2.82 1.09 11.67
C LEU A 182 -2.04 2.41 11.67
N LEU A 183 -2.10 3.12 12.78
CA LEU A 183 -1.42 4.41 12.92
C LEU A 183 -0.02 4.19 13.53
N THR A 184 1.02 4.60 12.81
CA THR A 184 2.37 4.40 13.30
C THR A 184 3.07 5.66 13.80
N GLY A 185 3.97 5.46 14.77
CA GLY A 185 4.74 6.55 15.36
C GLY A 185 6.11 6.03 15.77
N SER A 186 7.08 6.91 15.91
CA SER A 186 8.45 6.53 16.28
C SER A 186 8.62 6.04 17.72
N GLY A 187 7.77 6.51 18.62
CA GLY A 187 7.90 6.12 20.00
C GLY A 187 8.72 7.18 20.70
N GLY A 188 9.27 8.11 19.91
CA GLY A 188 10.06 9.20 20.45
C GLY A 188 11.46 8.84 20.94
N PRO A 189 12.13 9.78 21.62
CA PRO A 189 13.48 9.55 22.14
C PRO A 189 13.50 8.72 23.42
N PHE A 190 12.40 8.71 24.15
CA PHE A 190 12.35 7.97 25.41
C PHE A 190 11.73 6.58 25.29
N ARG A 191 11.83 5.99 24.11
CA ARG A 191 11.26 4.68 23.85
C ARG A 191 11.82 3.56 24.73
N GLU A 192 13.12 3.58 25.00
CA GLU A 192 13.75 2.54 25.82
C GLU A 192 14.19 3.01 27.20
N THR A 193 13.92 4.27 27.50
CA THR A 193 14.28 4.89 28.77
C THR A 193 13.58 4.28 29.98
N PRO A 194 14.32 4.03 31.07
CA PRO A 194 13.71 3.46 32.27
C PRO A 194 12.57 4.37 32.73
N LEU A 195 11.39 3.81 32.98
CA LEU A 195 10.25 4.61 33.39
C LEU A 195 10.50 5.61 34.51
N ARG A 196 11.24 5.21 35.53
CA ARG A 196 11.51 6.11 36.66
C ARG A 196 12.40 7.30 36.29
N ASP A 197 13.02 7.25 35.11
CA ASP A 197 13.90 8.33 34.66
C ASP A 197 13.19 9.41 33.87
N LEU A 198 11.99 9.11 33.38
CA LEU A 198 11.23 10.08 32.60
C LEU A 198 10.98 11.38 33.37
N ALA A 199 10.82 11.27 34.67
CA ALA A 199 10.56 12.42 35.51
C ALA A 199 11.72 13.42 35.54
N THR A 200 12.92 12.97 35.17
CA THR A 200 14.09 13.84 35.19
C THR A 200 14.57 14.29 33.80
N MET A 201 13.92 13.82 32.75
CA MET A 201 14.33 14.20 31.40
C MET A 201 14.23 15.72 31.23
N THR A 202 15.17 16.29 30.49
CA THR A 202 15.18 17.73 30.26
C THR A 202 14.60 18.09 28.92
N PRO A 203 14.31 19.38 28.69
CA PRO A 203 13.74 19.85 27.43
C PRO A 203 14.60 19.42 26.24
N ASP A 204 15.91 19.56 26.39
CA ASP A 204 16.83 19.19 25.32
C ASP A 204 16.80 17.72 24.97
N GLN A 205 16.66 16.86 25.98
CA GLN A 205 16.62 15.44 25.72
C GLN A 205 15.30 15.08 25.05
N ALA A 206 14.22 15.75 25.47
CA ALA A 206 12.91 15.49 24.91
C ALA A 206 12.82 15.98 23.48
N CYS A 207 13.52 17.06 23.17
CA CYS A 207 13.46 17.61 21.83
C CYS A 207 14.39 16.97 20.80
N ARG A 208 14.86 15.77 21.09
CA ARG A 208 15.71 15.06 20.13
C ARG A 208 14.83 14.08 19.39
N HIS A 209 14.10 14.58 18.39
CA HIS A 209 13.24 13.72 17.63
C HIS A 209 14.08 12.67 16.93
N PRO A 210 13.75 11.38 17.14
CA PRO A 210 14.42 10.20 16.59
C PRO A 210 15.10 10.28 15.23
N ASN A 211 14.33 10.47 14.16
CA ASN A 211 14.90 10.51 12.82
C ASN A 211 15.26 11.88 12.26
N TRP A 212 14.25 12.65 11.87
CA TRP A 212 14.48 13.99 11.33
C TRP A 212 14.23 15.03 12.43
N SER A 213 14.36 16.31 12.07
CA SER A 213 14.15 17.38 13.04
C SER A 213 12.81 18.08 12.87
N MET A 214 12.38 18.78 13.92
CA MET A 214 11.13 19.51 13.91
C MET A 214 11.05 20.41 15.14
N GLY A 215 9.99 21.21 15.22
CA GLY A 215 9.82 22.12 16.35
C GLY A 215 9.94 21.45 17.71
N ARG A 216 10.25 22.25 18.72
CA ARG A 216 10.41 21.72 20.08
C ARG A 216 9.12 21.15 20.64
N LYS A 217 8.01 21.88 20.46
CA LYS A 217 6.71 21.46 20.94
C LYS A 217 6.29 20.15 20.30
N ILE A 218 6.43 20.06 18.97
CA ILE A 218 6.08 18.86 18.25
C ILE A 218 7.01 17.71 18.67
N SER A 219 8.25 18.07 19.00
CA SER A 219 9.21 17.06 19.43
C SER A 219 8.79 16.48 20.77
N VAL A 220 8.34 17.35 21.68
CA VAL A 220 7.87 16.90 22.99
C VAL A 220 6.62 16.03 22.82
N ASP A 221 5.73 16.41 21.89
CA ASP A 221 4.51 15.63 21.67
C ASP A 221 4.84 14.23 21.16
N SER A 222 5.92 14.10 20.42
CA SER A 222 6.34 12.80 19.93
C SER A 222 6.97 11.98 21.07
N ALA A 223 7.58 12.68 22.02
CA ALA A 223 8.22 12.03 23.17
C ALA A 223 7.19 11.47 24.15
N THR A 224 6.09 12.18 24.32
CA THR A 224 5.01 11.77 25.21
C THR A 224 4.00 10.96 24.39
N MET A 225 4.16 11.01 23.07
CA MET A 225 3.26 10.30 22.18
C MET A 225 1.88 10.97 22.14
N MET A 226 1.82 12.23 22.56
CA MET A 226 0.56 12.98 22.53
C MET A 226 0.24 13.24 21.06
N ASN A 227 1.28 13.32 20.23
CA ASN A 227 1.11 13.54 18.80
C ASN A 227 0.27 12.39 18.20
N LYS A 228 0.57 11.14 18.54
CA LYS A 228 -0.21 10.01 18.03
C LYS A 228 -1.61 10.03 18.63
N GLY A 229 -1.70 10.47 19.88
CA GLY A 229 -3.00 10.56 20.53
C GLY A 229 -3.91 11.47 19.73
N LEU A 230 -3.42 12.67 19.43
CA LEU A 230 -4.19 13.64 18.66
C LEU A 230 -4.50 13.07 17.28
N GLU A 231 -3.53 12.38 16.68
CA GLU A 231 -3.72 11.79 15.37
C GLU A 231 -4.73 10.65 15.43
N TYR A 232 -4.83 10.04 16.62
CA TYR A 232 -5.79 8.97 16.84
C TYR A 232 -7.18 9.61 16.79
N ILE A 233 -7.34 10.74 17.46
CA ILE A 233 -8.61 11.45 17.47
C ILE A 233 -9.02 11.85 16.05
N GLU A 234 -8.09 12.41 15.29
CA GLU A 234 -8.36 12.83 13.92
C GLU A 234 -8.74 11.65 13.03
N ALA A 235 -7.93 10.59 13.08
CA ALA A 235 -8.18 9.41 12.28
C ALA A 235 -9.61 8.87 12.45
N ARG A 236 -10.07 8.77 13.69
CA ARG A 236 -11.42 8.26 13.92
C ARG A 236 -12.48 9.15 13.26
N TRP A 237 -12.26 10.46 13.31
CA TRP A 237 -13.18 11.43 12.70
C TRP A 237 -13.09 11.42 11.17
N LEU A 238 -11.86 11.51 10.67
CA LEU A 238 -11.60 11.56 9.24
C LEU A 238 -11.99 10.32 8.44
N PHE A 239 -11.81 9.15 9.04
CA PHE A 239 -12.10 7.90 8.35
C PHE A 239 -13.30 7.17 8.93
N ASN A 240 -13.98 7.81 9.87
CA ASN A 240 -15.15 7.20 10.48
C ASN A 240 -14.83 5.84 11.10
N ALA A 241 -13.74 5.78 11.86
CA ALA A 241 -13.33 4.54 12.50
C ALA A 241 -13.66 4.48 13.99
N SER A 242 -14.08 3.31 14.46
CA SER A 242 -14.39 3.13 15.87
C SER A 242 -13.13 2.67 16.62
N ALA A 243 -13.24 2.56 17.93
CA ALA A 243 -12.11 2.12 18.75
C ALA A 243 -11.49 0.82 18.25
N SER A 244 -12.32 -0.17 17.95
CA SER A 244 -11.82 -1.46 17.48
C SER A 244 -11.31 -1.43 16.02
N GLN A 245 -11.49 -0.30 15.34
CA GLN A 245 -11.00 -0.17 13.97
C GLN A 245 -9.73 0.68 13.97
N MET A 246 -9.14 0.84 15.15
CA MET A 246 -7.92 1.63 15.30
C MET A 246 -6.84 0.85 16.04
N GLU A 247 -5.61 0.96 15.55
CA GLU A 247 -4.47 0.30 16.16
C GLU A 247 -3.33 1.32 16.12
N VAL A 248 -2.59 1.42 17.22
CA VAL A 248 -1.47 2.33 17.26
C VAL A 248 -0.22 1.48 17.45
N LEU A 249 0.71 1.58 16.50
CA LEU A 249 1.95 0.82 16.55
C LEU A 249 3.17 1.73 16.60
N ILE A 250 4.19 1.25 17.29
CA ILE A 250 5.45 1.96 17.38
C ILE A 250 6.34 1.36 16.30
N HIS A 251 6.87 2.21 15.43
CA HIS A 251 7.76 1.84 14.34
C HIS A 251 8.86 2.90 14.44
N PRO A 252 9.96 2.56 15.14
CA PRO A 252 11.11 3.45 15.37
C PRO A 252 11.75 4.13 14.18
N GLN A 253 11.89 3.40 13.08
CA GLN A 253 12.53 3.90 11.88
C GLN A 253 11.72 4.91 11.05
N SER A 254 10.40 4.90 11.23
CA SER A 254 9.52 5.81 10.50
C SER A 254 9.59 5.70 8.98
N VAL A 255 9.88 4.53 8.45
CA VAL A 255 9.93 4.36 7.00
C VAL A 255 8.49 4.15 6.53
N ILE A 256 7.75 3.33 7.28
CA ILE A 256 6.34 3.08 7.00
C ILE A 256 5.65 4.24 7.69
N HIS A 257 4.79 4.96 6.97
CA HIS A 257 4.13 6.12 7.57
C HIS A 257 2.77 5.84 8.21
N SER A 258 2.26 4.63 7.99
CA SER A 258 0.98 4.10 8.52
C SER A 258 0.44 3.05 7.57
N MET A 259 -0.60 2.33 7.99
CA MET A 259 -1.16 1.27 7.18
C MET A 259 -2.65 1.07 7.44
N VAL A 260 -3.24 0.14 6.70
CA VAL A 260 -4.64 -0.24 6.88
C VAL A 260 -4.77 -1.75 6.66
N ARG A 261 -5.46 -2.40 7.58
CA ARG A 261 -5.66 -3.83 7.53
C ARG A 261 -6.98 -4.19 6.83
N TYR A 262 -6.92 -5.18 5.93
CA TYR A 262 -8.11 -5.62 5.19
C TYR A 262 -8.64 -6.97 5.64
N GLN A 263 -9.91 -7.21 5.35
CA GLN A 263 -10.64 -8.42 5.72
C GLN A 263 -10.04 -9.73 5.23
N ASP A 264 -9.33 -9.72 4.11
CA ASP A 264 -8.74 -10.96 3.62
C ASP A 264 -7.34 -11.20 4.16
N GLY A 265 -6.88 -10.31 5.05
CA GLY A 265 -5.55 -10.45 5.62
C GLY A 265 -4.53 -9.48 5.03
N SER A 266 -4.85 -8.90 3.88
CA SER A 266 -3.95 -7.94 3.25
C SER A 266 -3.76 -6.72 4.13
N VAL A 267 -2.55 -6.18 4.10
CA VAL A 267 -2.22 -4.97 4.80
C VAL A 267 -1.50 -4.08 3.79
N LEU A 268 -2.11 -2.94 3.46
CA LEU A 268 -1.51 -2.00 2.52
C LEU A 268 -0.78 -0.92 3.31
N ALA A 269 0.39 -0.54 2.83
CA ALA A 269 1.17 0.48 3.52
C ALA A 269 1.77 1.51 2.57
N GLN A 270 2.11 2.67 3.12
CA GLN A 270 2.74 3.74 2.37
C GLN A 270 4.10 3.97 3.01
N LEU A 271 5.14 3.93 2.19
CA LEU A 271 6.51 4.16 2.65
C LEU A 271 7.13 5.31 1.85
N GLY A 272 8.24 5.82 2.37
CA GLY A 272 8.92 6.91 1.69
C GLY A 272 9.90 7.64 2.56
N GLU A 273 10.49 8.69 2.01
CA GLU A 273 11.45 9.53 2.69
C GLU A 273 10.69 10.45 3.65
N PRO A 274 11.38 10.98 4.67
CA PRO A 274 10.76 11.88 5.64
C PRO A 274 10.73 13.30 5.09
N ASP A 275 10.07 13.46 3.96
CA ASP A 275 9.97 14.75 3.28
C ASP A 275 8.49 15.06 3.05
N MET A 276 8.01 16.16 3.62
CA MET A 276 6.61 16.53 3.50
C MET A 276 6.13 16.81 2.08
N ARG A 277 7.04 17.10 1.15
CA ARG A 277 6.60 17.36 -0.21
C ARG A 277 5.92 16.16 -0.88
N THR A 278 6.13 14.96 -0.34
CA THR A 278 5.50 13.78 -0.91
C THR A 278 3.99 13.78 -0.64
N PRO A 279 3.57 13.80 0.64
CA PRO A 279 2.12 13.80 0.89
C PRO A 279 1.44 15.06 0.37
N ILE A 280 2.15 16.18 0.38
CA ILE A 280 1.59 17.43 -0.13
C ILE A 280 1.33 17.29 -1.63
N ALA A 281 2.32 16.73 -2.34
CA ALA A 281 2.21 16.53 -3.79
C ALA A 281 1.10 15.54 -4.07
N HIS A 282 1.02 14.50 -3.25
CA HIS A 282 -0.01 13.49 -3.40
C HIS A 282 -1.40 14.13 -3.39
N THR A 283 -1.65 15.00 -2.40
CA THR A 283 -2.96 15.65 -2.28
C THR A 283 -3.24 16.62 -3.40
N MET A 284 -2.24 17.41 -3.77
CA MET A 284 -2.38 18.38 -4.84
C MET A 284 -2.75 17.69 -6.14
N ALA A 285 -2.10 16.55 -6.42
CA ALA A 285 -2.34 15.83 -7.67
C ALA A 285 -3.49 14.82 -7.69
N TRP A 286 -3.94 14.35 -6.52
CA TRP A 286 -5.02 13.37 -6.42
C TRP A 286 -6.15 13.71 -7.40
N PRO A 287 -6.71 12.69 -8.09
CA PRO A 287 -6.40 11.26 -8.04
C PRO A 287 -5.18 10.84 -8.83
N ASN A 288 -4.46 11.81 -9.38
CA ASN A 288 -3.28 11.47 -10.17
C ASN A 288 -2.00 11.75 -9.38
N ARG A 289 -0.86 11.74 -10.07
CA ARG A 289 0.43 11.99 -9.43
C ARG A 289 1.26 13.03 -10.14
N VAL A 290 2.23 13.57 -9.42
CA VAL A 290 3.10 14.60 -9.94
C VAL A 290 4.47 14.45 -9.27
N ASN A 291 5.51 15.00 -9.88
CA ASN A 291 6.85 14.92 -9.30
C ASN A 291 6.88 15.90 -8.13
N SER A 292 7.60 15.55 -7.07
CA SER A 292 7.64 16.40 -5.89
C SER A 292 9.05 16.90 -5.55
N GLY A 293 10.04 16.37 -6.26
CA GLY A 293 11.41 16.76 -5.99
C GLY A 293 12.04 15.82 -4.99
N VAL A 294 11.20 15.00 -4.34
CA VAL A 294 11.69 14.06 -3.34
C VAL A 294 12.35 12.86 -4.02
N LYS A 295 13.48 12.43 -3.47
CA LYS A 295 14.19 11.28 -4.03
C LYS A 295 13.50 9.98 -3.64
N PRO A 296 13.58 8.97 -4.52
CA PRO A 296 12.94 7.69 -4.18
C PRO A 296 13.71 7.10 -3.01
N LEU A 297 13.03 6.43 -2.07
CA LEU A 297 13.78 5.87 -0.97
C LEU A 297 14.60 4.67 -1.42
N ASP A 298 15.79 4.57 -0.85
CA ASP A 298 16.70 3.49 -1.17
C ASP A 298 16.55 2.38 -0.13
N PHE A 299 15.88 1.30 -0.53
CA PHE A 299 15.64 0.18 0.37
C PHE A 299 16.93 -0.52 0.81
N CYS A 300 18.04 -0.22 0.14
CA CYS A 300 19.31 -0.85 0.49
C CYS A 300 20.08 -0.03 1.51
N LYS A 301 19.52 1.12 1.90
CA LYS A 301 20.18 1.98 2.88
C LYS A 301 19.30 2.32 4.08
N LEU A 302 18.48 1.36 4.49
CA LEU A 302 17.57 1.52 5.61
C LEU A 302 18.03 0.70 6.81
N SER A 303 17.50 1.04 7.99
CA SER A 303 17.79 0.31 9.21
C SER A 303 16.71 -0.76 9.24
N ALA A 304 16.97 -1.89 9.90
CA ALA A 304 15.97 -2.95 9.98
C ALA A 304 14.67 -2.35 10.54
N LEU A 305 13.54 -2.69 9.92
CA LEU A 305 12.25 -2.16 10.35
C LEU A 305 11.66 -2.97 11.49
N THR A 306 11.21 -2.27 12.52
CA THR A 306 10.63 -2.95 13.65
C THR A 306 9.32 -2.35 14.13
N PHE A 307 8.60 -3.13 14.92
CA PHE A 307 7.31 -2.71 15.45
C PHE A 307 7.18 -3.18 16.89
N ALA A 308 6.36 -2.47 17.67
CA ALA A 308 6.13 -2.81 19.07
C ALA A 308 4.85 -2.12 19.53
N ALA A 309 4.19 -2.70 20.51
CA ALA A 309 2.96 -2.10 21.01
C ALA A 309 3.30 -1.02 22.03
N PRO A 310 2.63 0.14 21.96
CA PRO A 310 2.95 1.18 22.95
C PRO A 310 2.38 0.85 24.33
N ASP A 311 3.20 1.06 25.35
CA ASP A 311 2.81 0.79 26.73
C ASP A 311 2.28 2.09 27.35
N TYR A 312 1.04 2.06 27.80
CA TYR A 312 0.43 3.24 28.40
C TYR A 312 1.12 3.74 29.68
N ASP A 313 1.87 2.87 30.35
CA ASP A 313 2.60 3.29 31.56
C ASP A 313 3.66 4.30 31.10
N ARG A 314 4.23 4.01 29.94
CA ARG A 314 5.25 4.84 29.32
C ARG A 314 4.64 6.03 28.58
N TYR A 315 3.47 5.84 27.97
CA TYR A 315 2.82 6.91 27.22
C TYR A 315 1.41 7.20 27.68
N PRO A 316 1.25 7.73 28.92
CA PRO A 316 -0.11 8.01 29.39
C PRO A 316 -0.87 9.00 28.51
N CYS A 317 -0.17 9.93 27.87
CA CYS A 317 -0.85 10.91 27.00
C CYS A 317 -1.63 10.24 25.88
N LEU A 318 -1.14 9.09 25.41
CA LEU A 318 -1.78 8.36 24.32
C LEU A 318 -3.13 7.82 24.78
N LYS A 319 -3.13 7.13 25.91
CA LYS A 319 -4.35 6.56 26.47
C LYS A 319 -5.31 7.70 26.78
N LEU A 320 -4.78 8.79 27.33
CA LEU A 320 -5.58 9.95 27.68
C LEU A 320 -6.31 10.50 26.45
N ALA A 321 -5.63 10.44 25.30
CA ALA A 321 -6.22 10.94 24.06
C ALA A 321 -7.39 10.04 23.67
N MET A 322 -7.16 8.73 23.76
CA MET A 322 -8.19 7.75 23.43
C MET A 322 -9.42 7.92 24.33
N GLU A 323 -9.19 8.20 25.61
CA GLU A 323 -10.31 8.41 26.54
C GLU A 323 -11.03 9.72 26.23
N ALA A 324 -10.27 10.76 25.90
CA ALA A 324 -10.88 12.04 25.57
C ALA A 324 -11.85 11.90 24.40
N PHE A 325 -11.46 11.16 23.36
CA PHE A 325 -12.34 10.99 22.22
C PHE A 325 -13.71 10.48 22.64
N GLU A 326 -13.72 9.47 23.50
CA GLU A 326 -14.98 8.90 23.96
C GLU A 326 -15.88 9.94 24.62
N GLN A 327 -15.27 10.93 25.29
CA GLN A 327 -16.03 11.98 25.98
C GLN A 327 -16.54 13.09 25.07
N GLY A 328 -16.03 13.18 23.85
CA GLY A 328 -16.51 14.22 22.94
C GLY A 328 -15.53 15.33 22.61
N GLN A 329 -15.97 16.23 21.74
CA GLN A 329 -15.17 17.37 21.29
C GLN A 329 -14.72 18.32 22.40
N ALA A 330 -15.48 18.38 23.48
CA ALA A 330 -15.11 19.24 24.59
C ALA A 330 -13.87 18.67 25.27
N ALA A 331 -13.85 17.34 25.39
CA ALA A 331 -12.73 16.66 26.05
C ALA A 331 -11.47 16.77 25.19
N THR A 332 -11.61 16.53 23.89
CA THR A 332 -10.46 16.61 22.98
C THR A 332 -9.96 18.04 22.84
N THR A 333 -10.87 19.00 22.78
CA THR A 333 -10.48 20.40 22.68
C THR A 333 -9.76 20.78 23.97
N ALA A 334 -10.32 20.33 25.08
CA ALA A 334 -9.72 20.60 26.39
C ALA A 334 -8.32 19.98 26.49
N LEU A 335 -8.19 18.74 26.04
CA LEU A 335 -6.90 18.04 26.09
C LEU A 335 -5.88 18.77 25.24
N ASN A 336 -6.27 19.12 24.02
CA ASN A 336 -5.38 19.80 23.10
C ASN A 336 -4.86 21.12 23.69
N ALA A 337 -5.78 21.91 24.24
CA ALA A 337 -5.42 23.19 24.84
C ALA A 337 -4.52 23.01 26.06
N ALA A 338 -4.90 22.13 26.98
CA ALA A 338 -4.10 21.90 28.19
C ALA A 338 -2.67 21.49 27.83
N ASN A 339 -2.55 20.62 26.84
CA ASN A 339 -1.26 20.13 26.39
C ASN A 339 -0.35 21.22 25.84
N GLU A 340 -0.92 22.26 25.23
CA GLU A 340 -0.09 23.33 24.69
C GLU A 340 0.54 24.09 25.85
N ILE A 341 -0.24 24.28 26.91
CA ILE A 341 0.20 24.97 28.10
C ILE A 341 1.25 24.15 28.85
N THR A 342 0.95 22.88 29.11
CA THR A 342 1.87 22.02 29.86
C THR A 342 3.19 21.75 29.14
N VAL A 343 3.16 21.62 27.82
CA VAL A 343 4.38 21.40 27.06
C VAL A 343 5.22 22.68 27.10
N ALA A 344 4.58 23.82 26.86
CA ALA A 344 5.32 25.08 26.90
C ALA A 344 5.91 25.27 28.30
N ALA A 345 5.15 24.93 29.33
CA ALA A 345 5.65 25.06 30.70
C ALA A 345 6.86 24.15 30.93
N PHE A 346 6.84 22.95 30.34
CA PHE A 346 7.93 22.01 30.48
C PHE A 346 9.17 22.53 29.75
N LEU A 347 8.97 23.05 28.54
CA LEU A 347 10.06 23.61 27.76
C LEU A 347 10.70 24.75 28.53
N ALA A 348 9.87 25.49 29.27
CA ALA A 348 10.33 26.64 30.05
C ALA A 348 10.88 26.18 31.40
N GLN A 349 10.95 24.87 31.58
CA GLN A 349 11.45 24.28 32.80
C GLN A 349 10.62 24.64 34.03
N GLN A 350 9.31 24.70 33.86
CA GLN A 350 8.41 25.02 34.97
C GLN A 350 7.84 23.76 35.61
N ILE A 351 7.89 22.65 34.87
CA ILE A 351 7.35 21.39 35.38
C ILE A 351 8.17 20.24 34.83
N ARG A 352 7.97 19.06 35.39
CA ARG A 352 8.71 17.88 34.93
C ARG A 352 8.07 17.27 33.68
N PHE A 353 8.87 16.53 32.92
CA PHE A 353 8.40 15.88 31.71
C PHE A 353 7.13 15.07 32.01
N THR A 354 7.16 14.32 33.11
CA THR A 354 6.03 13.49 33.56
C THR A 354 4.84 14.35 34.03
N ASP A 355 5.09 15.62 34.34
CA ASP A 355 4.00 16.50 34.78
C ASP A 355 3.06 16.85 33.63
N ILE A 356 3.54 16.73 32.40
CA ILE A 356 2.72 17.01 31.23
C ILE A 356 1.46 16.17 31.22
N ALA A 357 1.63 14.84 31.23
CA ALA A 357 0.49 13.94 31.23
C ALA A 357 -0.36 14.11 32.49
N ALA A 358 0.29 14.31 33.62
CA ALA A 358 -0.41 14.48 34.90
C ALA A 358 -1.33 15.69 34.92
N LEU A 359 -0.83 16.84 34.48
CA LEU A 359 -1.65 18.05 34.46
C LEU A 359 -2.70 18.00 33.34
N ASN A 360 -2.36 17.36 32.23
CA ASN A 360 -3.31 17.25 31.12
C ASN A 360 -4.57 16.53 31.60
N LEU A 361 -4.36 15.45 32.36
CA LEU A 361 -5.44 14.66 32.91
C LEU A 361 -6.21 15.50 33.92
N SER A 362 -5.47 16.16 34.80
CA SER A 362 -6.08 16.98 35.83
C SER A 362 -7.03 18.03 35.26
N VAL A 363 -6.60 18.76 34.23
CA VAL A 363 -7.46 19.78 33.64
C VAL A 363 -8.72 19.16 33.05
N LEU A 364 -8.57 18.01 32.40
CA LEU A 364 -9.72 17.33 31.82
C LEU A 364 -10.76 17.02 32.91
N GLU A 365 -10.27 16.61 34.07
CA GLU A 365 -11.14 16.27 35.20
C GLU A 365 -11.86 17.47 35.79
N LYS A 366 -11.40 18.66 35.46
CA LYS A 366 -12.01 19.88 35.98
C LYS A 366 -12.91 20.58 34.97
N MET A 367 -12.92 20.10 33.72
CA MET A 367 -13.73 20.72 32.68
C MET A 367 -15.18 20.28 32.75
N ASP A 368 -16.09 21.25 32.82
CA ASP A 368 -17.51 20.95 32.87
C ASP A 368 -18.10 20.98 31.48
N MET A 369 -18.41 22.19 31.00
CA MET A 369 -18.98 22.42 29.67
C MET A 369 -18.67 21.27 28.72
N ARG A 370 -19.66 20.84 27.96
CA ARG A 370 -19.45 19.75 27.01
C ARG A 370 -20.01 19.98 25.62
N GLU A 371 -19.61 19.10 24.69
CA GLU A 371 -20.02 19.12 23.29
C GLU A 371 -20.43 20.49 22.74
N PRO A 372 -19.52 21.15 22.00
CA PRO A 372 -19.77 22.46 21.41
C PRO A 372 -20.63 22.34 20.16
N GLN A 373 -21.34 23.41 19.81
CA GLN A 373 -22.21 23.40 18.64
C GLN A 373 -21.67 24.21 17.47
N CYS A 374 -20.57 24.91 17.68
CA CYS A 374 -19.95 25.71 16.63
C CYS A 374 -18.51 26.08 16.99
N VAL A 375 -17.79 26.63 16.03
CA VAL A 375 -16.39 27.03 16.24
C VAL A 375 -16.23 27.94 17.44
N ASP A 376 -17.15 28.88 17.63
CA ASP A 376 -17.07 29.79 18.75
C ASP A 376 -17.09 29.02 20.06
N ASP A 377 -17.93 28.00 20.13
CA ASP A 377 -18.05 27.17 21.32
C ASP A 377 -16.73 26.43 21.59
N VAL A 378 -16.06 25.95 20.55
CA VAL A 378 -14.81 25.23 20.76
C VAL A 378 -13.79 26.24 21.26
N LEU A 379 -13.74 27.40 20.64
CA LEU A 379 -12.82 28.48 21.02
C LEU A 379 -12.98 28.81 22.50
N SER A 380 -14.22 28.82 22.96
CA SER A 380 -14.51 29.12 24.34
C SER A 380 -13.99 28.00 25.27
N VAL A 381 -14.11 26.76 24.83
CA VAL A 381 -13.64 25.63 25.64
C VAL A 381 -12.11 25.68 25.65
N ASP A 382 -11.55 25.99 24.49
CA ASP A 382 -10.10 26.09 24.34
C ASP A 382 -9.54 27.10 25.34
N ALA A 383 -10.14 28.29 25.35
CA ALA A 383 -9.72 29.38 26.24
C ALA A 383 -9.83 29.00 27.72
N ASN A 384 -10.92 28.34 28.09
CA ASN A 384 -11.11 27.92 29.47
C ASN A 384 -10.15 26.81 29.90
N ALA A 385 -9.81 25.92 28.98
CA ALA A 385 -8.91 24.82 29.30
C ALA A 385 -7.49 25.34 29.50
N ARG A 386 -7.14 26.40 28.78
CA ARG A 386 -5.83 26.99 28.90
C ARG A 386 -5.67 27.66 30.25
N GLU A 387 -6.73 28.35 30.69
CA GLU A 387 -6.68 29.02 31.98
C GLU A 387 -6.51 28.00 33.11
N VAL A 388 -7.31 26.95 33.08
CA VAL A 388 -7.23 25.93 34.12
C VAL A 388 -5.82 25.32 34.13
N ALA A 389 -5.27 25.10 32.94
CA ALA A 389 -3.93 24.53 32.81
C ALA A 389 -2.88 25.50 33.36
N ARG A 390 -3.00 26.79 33.04
CA ARG A 390 -2.05 27.78 33.54
C ARG A 390 -2.04 27.83 35.07
N LYS A 391 -3.23 27.76 35.67
CA LYS A 391 -3.34 27.79 37.11
C LYS A 391 -2.65 26.57 37.74
N GLU A 392 -2.89 25.39 37.18
CA GLU A 392 -2.28 24.18 37.70
C GLU A 392 -0.77 24.18 37.56
N VAL A 393 -0.26 24.87 36.55
CA VAL A 393 1.18 24.96 36.35
C VAL A 393 1.76 25.89 37.41
N MET A 394 1.12 27.05 37.59
CA MET A 394 1.57 28.03 38.57
C MET A 394 1.47 27.49 40.00
N ARG A 395 0.44 26.70 40.27
CA ARG A 395 0.25 26.10 41.58
C ARG A 395 1.32 25.05 41.84
N LEU A 396 1.79 24.42 40.77
CA LEU A 396 2.79 23.39 40.89
C LEU A 396 4.18 24.01 41.03
N ALA A 397 4.35 25.20 40.45
CA ALA A 397 5.63 25.89 40.52
C ALA A 397 5.78 26.59 41.88
N SER A 398 5.53 25.85 42.95
CA SER A 398 5.61 26.37 44.31
C SER A 398 5.20 25.32 45.36
N GLY B 1 -24.44 -13.46 -6.15
CA GLY B 1 -23.27 -14.38 -6.11
C GLY B 1 -22.57 -14.54 -7.44
N LYS B 2 -21.25 -14.64 -7.40
CA LYS B 2 -20.47 -14.80 -8.61
C LYS B 2 -20.34 -16.28 -8.92
N GLN B 3 -20.42 -16.64 -10.20
CA GLN B 3 -20.31 -18.03 -10.60
C GLN B 3 -18.93 -18.25 -11.19
N LEU B 4 -18.31 -19.37 -10.86
CA LEU B 4 -16.99 -19.64 -11.37
C LEU B 4 -16.68 -21.07 -11.76
N THR B 5 -15.69 -21.21 -12.63
CA THR B 5 -15.22 -22.52 -13.00
C THR B 5 -13.79 -22.50 -12.50
N ILE B 6 -13.38 -23.57 -11.83
CA ILE B 6 -12.03 -23.66 -11.29
C ILE B 6 -11.17 -24.62 -12.10
N LEU B 7 -10.25 -24.07 -12.90
CA LEU B 7 -9.34 -24.88 -13.69
C LEU B 7 -8.25 -25.40 -12.75
N GLY B 8 -8.19 -26.72 -12.58
CA GLY B 8 -7.19 -27.30 -11.68
C GLY B 8 -7.63 -27.10 -10.25
N SER B 9 -8.82 -27.63 -9.95
CA SER B 9 -9.43 -27.50 -8.64
C SER B 9 -8.87 -28.39 -7.53
N THR B 10 -8.18 -29.47 -7.89
CA THR B 10 -7.64 -30.38 -6.88
C THR B 10 -6.24 -30.04 -6.40
N GLY B 11 -5.61 -29.04 -7.02
CA GLY B 11 -4.29 -28.66 -6.59
C GLY B 11 -4.35 -27.75 -5.38
N SER B 12 -3.19 -27.30 -4.94
CA SER B 12 -3.11 -26.41 -3.79
C SER B 12 -3.94 -25.13 -3.95
N ILE B 13 -3.84 -24.49 -5.11
CA ILE B 13 -4.59 -23.27 -5.37
C ILE B 13 -6.09 -23.52 -5.42
N GLY B 14 -6.48 -24.60 -6.09
CA GLY B 14 -7.90 -24.93 -6.19
C GLY B 14 -8.51 -25.19 -4.83
N CYS B 15 -7.81 -25.94 -3.99
CA CYS B 15 -8.32 -26.24 -2.64
C CYS B 15 -8.45 -24.95 -1.82
N SER B 16 -7.47 -24.05 -1.94
CA SER B 16 -7.51 -22.80 -1.21
C SER B 16 -8.67 -21.97 -1.72
N THR B 17 -8.85 -21.98 -3.04
CA THR B 17 -9.94 -21.24 -3.67
C THR B 17 -11.28 -21.74 -3.13
N LEU B 18 -11.44 -23.05 -3.07
CA LEU B 18 -12.68 -23.66 -2.58
C LEU B 18 -12.88 -23.36 -1.10
N ASP B 19 -11.78 -23.22 -0.37
CA ASP B 19 -11.88 -22.90 1.04
C ASP B 19 -12.50 -21.52 1.16
N VAL B 20 -12.11 -20.62 0.26
CA VAL B 20 -12.63 -19.26 0.27
C VAL B 20 -14.13 -19.20 -0.04
N VAL B 21 -14.60 -20.03 -0.97
CA VAL B 21 -16.04 -20.00 -1.27
C VAL B 21 -16.79 -20.61 -0.11
N ARG B 22 -16.15 -21.56 0.57
CA ARG B 22 -16.74 -22.22 1.73
C ARG B 22 -16.92 -21.18 2.84
N HIS B 23 -16.05 -20.17 2.87
CA HIS B 23 -16.11 -19.09 3.86
C HIS B 23 -17.16 -18.06 3.43
N ASN B 24 -17.56 -18.11 2.16
CA ASN B 24 -18.53 -17.14 1.64
C ASN B 24 -19.50 -17.79 0.67
N PRO B 25 -20.24 -18.80 1.13
CA PRO B 25 -21.21 -19.52 0.29
C PRO B 25 -22.23 -18.63 -0.40
N GLU B 26 -22.56 -17.51 0.23
CA GLU B 26 -23.53 -16.59 -0.35
C GLU B 26 -22.94 -15.83 -1.54
N HIS B 27 -21.66 -15.48 -1.46
CA HIS B 27 -20.98 -14.73 -2.51
C HIS B 27 -20.53 -15.53 -3.73
N PHE B 28 -20.14 -16.78 -3.53
CA PHE B 28 -19.66 -17.59 -4.64
C PHE B 28 -20.37 -18.91 -4.88
N ARG B 29 -20.57 -19.21 -6.16
CA ARG B 29 -21.23 -20.42 -6.58
C ARG B 29 -20.30 -21.11 -7.57
N VAL B 30 -19.98 -22.37 -7.31
CA VAL B 30 -19.10 -23.12 -8.20
C VAL B 30 -19.92 -23.74 -9.33
N VAL B 31 -19.65 -23.30 -10.55
CA VAL B 31 -20.35 -23.83 -11.71
C VAL B 31 -19.65 -25.05 -12.30
N ALA B 32 -18.33 -25.00 -12.38
CA ALA B 32 -17.59 -26.13 -12.94
C ALA B 32 -16.19 -26.27 -12.34
N LEU B 33 -15.78 -27.53 -12.20
CA LEU B 33 -14.48 -27.88 -11.67
C LEU B 33 -13.80 -28.72 -12.74
N VAL B 34 -12.51 -28.48 -12.95
CA VAL B 34 -11.72 -29.21 -13.93
C VAL B 34 -10.46 -29.66 -13.20
N ALA B 35 -10.04 -30.90 -13.42
CA ALA B 35 -8.84 -31.42 -12.78
C ALA B 35 -8.15 -32.47 -13.66
N GLY B 36 -7.14 -33.12 -13.10
CA GLY B 36 -6.41 -34.12 -13.85
C GLY B 36 -6.90 -35.54 -13.66
N LYS B 37 -6.30 -36.24 -12.72
CA LYS B 37 -6.66 -37.62 -12.46
C LYS B 37 -6.94 -37.91 -10.99
N ASN B 38 -6.92 -36.89 -10.15
CA ASN B 38 -7.19 -37.11 -8.73
C ASN B 38 -8.71 -37.24 -8.53
N VAL B 39 -9.25 -38.39 -8.91
CA VAL B 39 -10.67 -38.67 -8.79
C VAL B 39 -11.24 -38.54 -7.39
N THR B 40 -10.52 -39.07 -6.39
CA THR B 40 -11.01 -39.02 -5.02
C THR B 40 -11.27 -37.61 -4.51
N ARG B 41 -10.32 -36.70 -4.74
CA ARG B 41 -10.48 -35.33 -4.30
C ARG B 41 -11.60 -34.65 -5.11
N MET B 42 -11.71 -35.00 -6.39
CA MET B 42 -12.72 -34.40 -7.23
C MET B 42 -14.13 -34.82 -6.78
N VAL B 43 -14.24 -36.05 -6.28
CA VAL B 43 -15.53 -36.54 -5.79
C VAL B 43 -15.95 -35.67 -4.60
N GLU B 44 -15.02 -35.48 -3.66
CA GLU B 44 -15.31 -34.68 -2.48
C GLU B 44 -15.73 -33.27 -2.83
N GLN B 45 -14.97 -32.62 -3.70
CA GLN B 45 -15.30 -31.25 -4.10
C GLN B 45 -16.67 -31.21 -4.75
N CYS B 46 -16.98 -32.20 -5.58
CA CYS B 46 -18.28 -32.25 -6.25
C CYS B 46 -19.40 -32.41 -5.24
N LEU B 47 -19.19 -33.27 -4.25
CA LEU B 47 -20.19 -33.52 -3.21
C LEU B 47 -20.32 -32.30 -2.30
N GLU B 48 -19.24 -31.54 -2.16
CA GLU B 48 -19.24 -30.38 -1.29
C GLU B 48 -19.71 -29.08 -1.95
N PHE B 49 -19.41 -28.89 -3.23
CA PHE B 49 -19.79 -27.64 -3.89
C PHE B 49 -20.87 -27.69 -4.97
N SER B 50 -21.37 -28.90 -5.26
CA SER B 50 -22.45 -29.10 -6.22
C SER B 50 -22.30 -28.39 -7.57
N PRO B 51 -21.17 -28.60 -8.24
CA PRO B 51 -20.99 -27.96 -9.55
C PRO B 51 -21.92 -28.57 -10.60
N ARG B 52 -22.16 -27.83 -11.68
CA ARG B 52 -23.00 -28.31 -12.76
C ARG B 52 -22.16 -29.30 -13.58
N TYR B 53 -20.86 -29.02 -13.70
CA TYR B 53 -19.96 -29.89 -14.43
C TYR B 53 -18.70 -30.20 -13.63
N ALA B 54 -18.06 -31.29 -14.02
CA ALA B 54 -16.81 -31.73 -13.41
C ALA B 54 -16.08 -32.35 -14.59
N VAL B 55 -14.86 -31.87 -14.84
CA VAL B 55 -14.07 -32.37 -15.95
C VAL B 55 -12.73 -32.92 -15.52
N MET B 56 -12.41 -34.11 -16.02
CA MET B 56 -11.12 -34.72 -15.72
C MET B 56 -10.37 -34.66 -17.05
N ASP B 57 -9.04 -34.70 -17.00
CA ASP B 57 -8.28 -34.65 -18.24
C ASP B 57 -7.85 -36.06 -18.62
N ASP B 58 -8.85 -36.86 -18.99
CA ASP B 58 -8.66 -38.26 -19.36
C ASP B 58 -9.98 -39.05 -19.28
N GLU B 59 -10.17 -39.98 -20.22
CA GLU B 59 -11.38 -40.80 -20.28
C GLU B 59 -11.56 -41.76 -19.10
N ALA B 60 -10.46 -42.42 -18.71
CA ALA B 60 -10.50 -43.38 -17.60
C ALA B 60 -10.87 -42.69 -16.29
N SER B 61 -10.40 -41.47 -16.11
CA SER B 61 -10.69 -40.72 -14.90
C SER B 61 -12.14 -40.23 -14.88
N ALA B 62 -12.62 -39.78 -16.03
CA ALA B 62 -13.99 -39.28 -16.14
C ALA B 62 -15.02 -40.37 -15.84
N LYS B 63 -14.79 -41.57 -16.40
CA LYS B 63 -15.70 -42.70 -16.17
C LYS B 63 -15.64 -43.15 -14.72
N LEU B 64 -14.42 -43.19 -14.17
CA LEU B 64 -14.21 -43.60 -12.79
C LEU B 64 -14.84 -42.59 -11.83
N LEU B 65 -14.82 -41.33 -12.21
CA LEU B 65 -15.42 -40.26 -11.40
C LEU B 65 -16.93 -40.31 -11.54
N LYS B 66 -17.39 -40.61 -12.76
CA LYS B 66 -18.81 -40.68 -13.06
C LYS B 66 -19.49 -41.82 -12.29
N THR B 67 -18.72 -42.87 -11.99
CA THR B 67 -19.23 -44.03 -11.27
C THR B 67 -19.39 -43.74 -9.78
N MET B 68 -18.43 -43.00 -9.21
CA MET B 68 -18.51 -42.68 -7.80
C MET B 68 -19.53 -41.59 -7.48
N LEU B 69 -19.74 -40.67 -8.42
CA LEU B 69 -20.71 -39.60 -8.24
C LEU B 69 -22.14 -40.14 -8.21
N GLN B 70 -22.43 -41.07 -9.12
CA GLN B 70 -23.76 -41.67 -9.18
C GLN B 70 -23.99 -42.60 -8.00
N GLN B 71 -22.92 -43.27 -7.56
CA GLN B 71 -23.01 -44.16 -6.42
C GLN B 71 -23.32 -43.32 -5.18
N GLN B 72 -22.88 -42.08 -5.19
CA GLN B 72 -23.11 -41.17 -4.06
C GLN B 72 -24.36 -40.34 -4.29
N GLY B 73 -25.02 -40.55 -5.42
CA GLY B 73 -26.24 -39.83 -5.72
C GLY B 73 -26.13 -38.45 -6.36
N SER B 74 -24.90 -38.03 -6.68
CA SER B 74 -24.69 -36.73 -7.31
C SER B 74 -24.99 -36.73 -8.79
N ARG B 75 -25.60 -35.65 -9.28
CA ARG B 75 -25.96 -35.52 -10.69
C ARG B 75 -25.04 -34.60 -11.48
N THR B 76 -23.86 -34.33 -10.95
CA THR B 76 -22.91 -33.47 -11.64
C THR B 76 -22.56 -34.14 -12.98
N GLU B 77 -22.64 -33.38 -14.08
CA GLU B 77 -22.32 -33.92 -15.40
C GLU B 77 -20.79 -34.04 -15.57
N VAL B 78 -20.32 -35.24 -15.87
CA VAL B 78 -18.89 -35.48 -16.03
C VAL B 78 -18.43 -35.41 -17.48
N LEU B 79 -17.22 -34.89 -17.67
CA LEU B 79 -16.62 -34.74 -19.00
C LEU B 79 -15.11 -34.92 -18.87
N SER B 80 -14.42 -35.04 -20.00
CA SER B 80 -12.97 -35.17 -19.98
C SER B 80 -12.40 -34.53 -21.25
N GLY B 81 -11.09 -34.26 -21.25
CA GLY B 81 -10.46 -33.66 -22.41
C GLY B 81 -10.24 -32.15 -22.34
N GLN B 82 -9.24 -31.69 -23.09
CA GLN B 82 -8.89 -30.27 -23.12
C GLN B 82 -10.02 -29.40 -23.64
N GLN B 83 -10.69 -29.85 -24.68
CA GLN B 83 -11.80 -29.10 -25.26
C GLN B 83 -12.89 -28.82 -24.22
N ALA B 84 -13.22 -29.82 -23.40
CA ALA B 84 -14.24 -29.66 -22.37
C ALA B 84 -13.75 -28.61 -21.37
N ALA B 85 -12.48 -28.70 -20.98
CA ALA B 85 -11.93 -27.73 -20.05
C ALA B 85 -12.13 -26.33 -20.63
N CYS B 86 -11.88 -26.17 -21.93
CA CYS B 86 -12.05 -24.87 -22.58
C CYS B 86 -13.49 -24.40 -22.54
N ASP B 87 -14.43 -25.34 -22.68
CA ASP B 87 -15.84 -24.96 -22.64
C ASP B 87 -16.23 -24.45 -21.27
N MET B 88 -15.71 -25.10 -20.23
CA MET B 88 -16.01 -24.69 -18.86
C MET B 88 -15.51 -23.27 -18.63
N ALA B 89 -14.34 -22.99 -19.17
CA ALA B 89 -13.74 -21.67 -19.02
C ALA B 89 -14.52 -20.61 -19.78
N ALA B 90 -15.37 -21.03 -20.71
CA ALA B 90 -16.15 -20.08 -21.52
C ALA B 90 -17.65 -20.11 -21.28
N LEU B 91 -18.08 -20.89 -20.28
CA LEU B 91 -19.49 -20.99 -19.95
C LEU B 91 -20.14 -19.61 -19.90
N GLU B 92 -21.19 -19.44 -20.69
CA GLU B 92 -21.92 -18.19 -20.77
C GLU B 92 -22.29 -17.65 -19.38
N ASP B 93 -22.62 -18.56 -18.48
CA ASP B 93 -23.03 -18.25 -17.12
C ASP B 93 -21.94 -17.76 -16.16
N VAL B 94 -20.75 -18.37 -16.19
CA VAL B 94 -19.68 -17.98 -15.26
C VAL B 94 -19.15 -16.56 -15.41
N ASP B 95 -18.86 -15.94 -14.26
CA ASP B 95 -18.35 -14.57 -14.22
C ASP B 95 -16.84 -14.53 -14.14
N GLN B 96 -16.25 -15.44 -13.38
CA GLN B 96 -14.80 -15.45 -13.24
C GLN B 96 -14.23 -16.86 -13.29
N VAL B 97 -13.03 -16.97 -13.83
CA VAL B 97 -12.34 -18.23 -13.98
C VAL B 97 -11.01 -18.25 -13.24
N MET B 98 -10.87 -19.19 -12.32
CA MET B 98 -9.63 -19.35 -11.56
C MET B 98 -8.76 -20.24 -12.44
N ALA B 99 -7.77 -19.65 -13.11
CA ALA B 99 -6.89 -20.40 -13.98
C ALA B 99 -5.70 -20.97 -13.21
N ALA B 100 -5.87 -22.20 -12.71
CA ALA B 100 -4.82 -22.83 -11.92
C ALA B 100 -4.19 -24.06 -12.57
N ILE B 101 -4.55 -24.36 -13.82
CA ILE B 101 -3.91 -25.51 -14.50
C ILE B 101 -2.50 -25.05 -14.87
N VAL B 102 -1.49 -25.66 -14.25
CA VAL B 102 -0.10 -25.28 -14.52
C VAL B 102 0.44 -25.98 -15.78
N GLY B 103 1.45 -25.36 -16.39
CA GLY B 103 2.06 -25.94 -17.58
C GLY B 103 1.31 -25.71 -18.87
N ALA B 104 1.81 -26.34 -19.93
CA ALA B 104 1.22 -26.22 -21.26
C ALA B 104 -0.27 -26.56 -21.29
N ALA B 105 -0.69 -27.54 -20.48
CA ALA B 105 -2.08 -27.95 -20.46
C ALA B 105 -3.04 -26.82 -20.10
N GLY B 106 -2.54 -25.83 -19.36
CA GLY B 106 -3.37 -24.71 -18.96
C GLY B 106 -3.48 -23.61 -20.01
N LEU B 107 -2.60 -23.64 -21.00
CA LEU B 107 -2.59 -22.62 -22.03
C LEU B 107 -3.91 -22.34 -22.72
N LEU B 108 -4.43 -23.29 -23.49
CA LEU B 108 -5.69 -23.04 -24.20
C LEU B 108 -6.91 -22.77 -23.31
N PRO B 109 -7.07 -23.52 -22.20
CA PRO B 109 -8.25 -23.23 -21.37
C PRO B 109 -8.21 -21.80 -20.85
N THR B 110 -7.02 -21.33 -20.47
CA THR B 110 -6.89 -19.97 -19.97
C THR B 110 -7.18 -18.99 -21.10
N LEU B 111 -6.66 -19.30 -22.29
CA LEU B 111 -6.86 -18.46 -23.46
C LEU B 111 -8.36 -18.41 -23.77
N ALA B 112 -9.02 -19.55 -23.62
CA ALA B 112 -10.44 -19.65 -23.89
C ALA B 112 -11.26 -18.70 -23.03
N ALA B 113 -10.84 -18.53 -21.77
CA ALA B 113 -11.56 -17.65 -20.85
C ALA B 113 -11.31 -16.19 -21.23
N ILE B 114 -10.08 -15.90 -21.65
CA ILE B 114 -9.72 -14.54 -22.05
C ILE B 114 -10.63 -14.11 -23.20
N ARG B 115 -10.67 -14.91 -24.26
CA ARG B 115 -11.50 -14.59 -25.41
C ARG B 115 -12.97 -14.45 -25.04
N ALA B 116 -13.41 -15.23 -24.08
CA ALA B 116 -14.80 -15.16 -23.65
C ALA B 116 -15.03 -13.91 -22.81
N GLY B 117 -13.95 -13.16 -22.56
CA GLY B 117 -14.06 -11.94 -21.79
C GLY B 117 -14.37 -12.12 -20.31
N LYS B 118 -14.08 -13.30 -19.77
CA LYS B 118 -14.35 -13.57 -18.36
C LYS B 118 -13.35 -12.80 -17.47
N THR B 119 -13.60 -12.80 -16.17
CA THR B 119 -12.68 -12.18 -15.24
C THR B 119 -11.75 -13.34 -14.88
N ILE B 120 -10.49 -13.23 -15.30
CA ILE B 120 -9.51 -14.29 -15.05
C ILE B 120 -8.69 -14.10 -13.78
N LEU B 121 -8.70 -15.12 -12.95
CA LEU B 121 -7.92 -15.16 -11.71
C LEU B 121 -6.70 -15.96 -12.14
N LEU B 122 -5.67 -15.26 -12.63
CA LEU B 122 -4.46 -15.89 -13.12
C LEU B 122 -3.54 -16.47 -12.04
N ALA B 123 -3.60 -17.79 -11.89
CA ALA B 123 -2.76 -18.51 -10.93
C ALA B 123 -1.68 -19.21 -11.77
N ASN B 124 -2.06 -19.51 -13.00
CA ASN B 124 -1.18 -20.16 -13.98
C ASN B 124 -0.20 -19.09 -14.48
N LYS B 125 0.30 -18.28 -13.55
CA LYS B 125 1.22 -17.19 -13.86
C LYS B 125 2.37 -17.52 -14.80
N GLU B 126 2.61 -18.80 -15.04
CA GLU B 126 3.70 -19.19 -15.93
C GLU B 126 3.30 -19.07 -17.40
N SER B 127 2.00 -18.92 -17.66
CA SER B 127 1.51 -18.80 -19.03
C SER B 127 1.90 -17.46 -19.65
N LEU B 128 2.20 -16.47 -18.82
CA LEU B 128 2.61 -15.16 -19.33
C LEU B 128 4.09 -15.27 -19.72
N VAL B 129 4.77 -16.27 -19.15
CA VAL B 129 6.18 -16.51 -19.43
C VAL B 129 6.39 -17.01 -20.85
N THR B 130 5.41 -17.76 -21.37
CA THR B 130 5.50 -18.30 -22.71
C THR B 130 4.64 -17.55 -23.73
N CYS B 131 3.41 -17.20 -23.35
CA CYS B 131 2.51 -16.50 -24.26
C CYS B 131 2.16 -15.09 -23.79
N GLY B 132 3.15 -14.36 -23.30
CA GLY B 132 2.93 -13.02 -22.83
C GLY B 132 2.22 -12.10 -23.83
N ARG B 133 2.76 -12.03 -25.04
CA ARG B 133 2.18 -11.19 -26.08
C ARG B 133 0.81 -11.68 -26.53
N LEU B 134 0.72 -12.99 -26.78
CA LEU B 134 -0.53 -13.58 -27.21
C LEU B 134 -1.64 -13.30 -26.20
N PHE B 135 -1.33 -13.53 -24.93
CA PHE B 135 -2.32 -13.33 -23.87
C PHE B 135 -2.72 -11.88 -23.62
N MET B 136 -1.76 -10.97 -23.51
CA MET B 136 -2.10 -9.59 -23.26
C MET B 136 -2.90 -9.01 -24.43
N ASP B 137 -2.50 -9.33 -25.66
CA ASP B 137 -3.23 -8.85 -26.84
C ASP B 137 -4.68 -9.35 -26.78
N ALA B 138 -4.85 -10.64 -26.52
CA ALA B 138 -6.17 -11.22 -26.44
C ALA B 138 -6.97 -10.56 -25.32
N VAL B 139 -6.28 -10.25 -24.22
CA VAL B 139 -6.93 -9.62 -23.09
C VAL B 139 -7.44 -8.23 -23.47
N LYS B 140 -6.63 -7.49 -24.21
CA LYS B 140 -7.04 -6.15 -24.59
C LYS B 140 -8.16 -6.16 -25.63
N GLN B 141 -8.13 -7.15 -26.52
CA GLN B 141 -9.14 -7.26 -27.56
C GLN B 141 -10.43 -7.91 -27.13
N SER B 142 -10.62 -8.09 -25.83
CA SER B 142 -11.84 -8.70 -25.31
C SER B 142 -12.25 -8.04 -24.00
N LYS B 143 -11.41 -7.13 -23.53
CA LYS B 143 -11.64 -6.41 -22.29
C LYS B 143 -11.76 -7.33 -21.08
N ALA B 144 -11.24 -8.54 -21.21
CA ALA B 144 -11.26 -9.50 -20.11
C ALA B 144 -10.46 -8.86 -18.98
N GLN B 145 -10.89 -9.09 -17.75
CA GLN B 145 -10.22 -8.52 -16.58
C GLN B 145 -9.26 -9.52 -15.94
N LEU B 146 -7.97 -9.20 -15.99
CA LEU B 146 -6.94 -10.05 -15.41
C LEU B 146 -6.70 -9.68 -13.95
N LEU B 147 -6.70 -10.67 -13.07
CA LEU B 147 -6.44 -10.45 -11.66
C LEU B 147 -5.38 -11.46 -11.25
N PRO B 148 -4.12 -11.02 -11.17
CA PRO B 148 -3.01 -11.92 -10.79
C PRO B 148 -3.19 -12.52 -9.40
N VAL B 149 -3.03 -13.83 -9.33
CA VAL B 149 -3.17 -14.56 -8.08
C VAL B 149 -1.87 -14.80 -7.31
N ASP B 150 -0.76 -15.01 -8.00
CA ASP B 150 0.48 -15.24 -7.26
C ASP B 150 0.71 -14.09 -6.27
N SER B 151 1.35 -14.43 -5.15
CA SER B 151 1.61 -13.47 -4.10
C SER B 151 2.27 -12.15 -4.53
N GLU B 152 3.32 -12.22 -5.34
CA GLU B 152 4.03 -11.02 -5.77
C GLU B 152 3.22 -10.09 -6.68
N HIS B 153 2.71 -10.63 -7.78
CA HIS B 153 1.93 -9.83 -8.72
C HIS B 153 0.63 -9.32 -8.11
N ASN B 154 0.10 -10.04 -7.12
CA ASN B 154 -1.13 -9.62 -6.47
C ASN B 154 -0.82 -8.39 -5.65
N ALA B 155 0.29 -8.45 -4.91
CA ALA B 155 0.74 -7.34 -4.05
C ALA B 155 0.89 -6.07 -4.87
N ILE B 156 1.52 -6.22 -6.04
CA ILE B 156 1.74 -5.13 -6.97
C ILE B 156 0.39 -4.62 -7.44
N PHE B 157 -0.48 -5.54 -7.83
CA PHE B 157 -1.81 -5.15 -8.29
C PHE B 157 -2.49 -4.28 -7.23
N GLN B 158 -2.55 -4.77 -5.99
CA GLN B 158 -3.17 -4.02 -4.90
C GLN B 158 -2.48 -2.67 -4.64
N SER B 159 -1.19 -2.57 -4.95
CA SER B 159 -0.44 -1.35 -4.71
C SER B 159 -0.52 -0.36 -5.88
N LEU B 160 -1.15 -0.81 -6.95
CA LEU B 160 -1.30 -0.03 -8.16
C LEU B 160 -2.57 0.84 -8.14
N PRO B 161 -2.58 1.93 -8.91
CA PRO B 161 -3.77 2.81 -8.94
C PRO B 161 -4.92 2.19 -9.73
N GLN B 162 -6.14 2.54 -9.34
CA GLN B 162 -7.36 2.04 -9.95
C GLN B 162 -7.38 2.03 -11.49
N PRO B 163 -7.02 3.16 -12.14
CA PRO B 163 -7.03 3.18 -13.62
C PRO B 163 -6.21 2.05 -14.21
N ILE B 164 -5.17 1.63 -13.50
CA ILE B 164 -4.34 0.53 -13.96
C ILE B 164 -4.99 -0.81 -13.59
N GLN B 165 -5.52 -0.91 -12.37
CA GLN B 165 -6.16 -2.15 -11.93
C GLN B 165 -7.17 -2.57 -12.98
N HIS B 166 -7.98 -1.62 -13.43
CA HIS B 166 -8.94 -1.89 -14.49
C HIS B 166 -8.05 -1.64 -15.70
N ASN B 167 -8.22 -2.41 -16.77
CA ASN B 167 -7.38 -2.21 -17.95
C ASN B 167 -5.95 -2.66 -17.71
N LEU B 168 -5.80 -3.70 -16.90
CA LEU B 168 -4.50 -4.24 -16.57
C LEU B 168 -3.80 -4.83 -17.77
N GLY B 169 -2.59 -4.32 -18.05
CA GLY B 169 -1.83 -4.82 -19.18
C GLY B 169 -1.77 -3.84 -20.33
N TYR B 170 -2.91 -3.23 -20.65
CA TYR B 170 -2.99 -2.26 -21.72
C TYR B 170 -3.22 -0.85 -21.17
N ALA B 171 -2.54 -0.54 -20.06
CA ALA B 171 -2.63 0.76 -19.41
C ALA B 171 -1.22 1.33 -19.32
N ASP B 172 -1.11 2.65 -19.26
CA ASP B 172 0.18 3.33 -19.21
C ASP B 172 0.67 3.62 -17.79
N LEU B 173 1.78 3.00 -17.40
CA LEU B 173 2.33 3.20 -16.04
C LEU B 173 2.77 4.65 -15.76
N GLU B 174 3.67 5.18 -16.57
CA GLU B 174 4.16 6.54 -16.36
C GLU B 174 3.03 7.55 -16.31
N GLN B 175 2.01 7.33 -17.14
CA GLN B 175 0.87 8.22 -17.21
C GLN B 175 0.01 8.21 -15.95
N ASN B 176 0.14 7.17 -15.13
CA ASN B 176 -0.63 7.10 -13.90
C ASN B 176 0.26 7.37 -12.70
N GLY B 177 1.41 7.99 -12.95
CA GLY B 177 2.34 8.34 -11.90
C GLY B 177 3.14 7.22 -11.26
N VAL B 178 3.26 6.10 -11.94
CA VAL B 178 4.03 4.97 -11.42
C VAL B 178 5.45 5.01 -11.97
N VAL B 179 6.43 5.03 -11.08
CA VAL B 179 7.84 5.06 -11.49
C VAL B 179 8.38 3.69 -11.78
N SER B 180 8.07 2.73 -10.91
CA SER B 180 8.54 1.36 -11.08
C SER B 180 7.81 0.37 -10.19
N ILE B 181 7.95 -0.90 -10.54
CA ILE B 181 7.34 -1.99 -9.80
C ILE B 181 8.45 -2.70 -9.03
N LEU B 182 8.30 -2.79 -7.71
CA LEU B 182 9.30 -3.42 -6.87
C LEU B 182 8.92 -4.86 -6.53
N LEU B 183 9.61 -5.78 -7.19
CA LEU B 183 9.39 -7.21 -7.01
C LEU B 183 10.30 -7.69 -5.90
N THR B 184 9.73 -8.36 -4.91
CA THR B 184 10.52 -8.85 -3.78
C THR B 184 10.59 -10.36 -3.65
N GLY B 185 11.71 -10.84 -3.13
CA GLY B 185 11.91 -12.27 -2.93
C GLY B 185 12.79 -12.48 -1.71
N SER B 186 12.68 -13.66 -1.10
CA SER B 186 13.46 -13.98 0.10
C SER B 186 14.96 -14.11 -0.15
N GLY B 187 15.33 -14.48 -1.37
CA GLY B 187 16.75 -14.64 -1.67
C GLY B 187 17.12 -16.11 -1.57
N GLY B 188 16.21 -16.90 -1.01
CA GLY B 188 16.46 -18.33 -0.88
C GLY B 188 17.23 -18.76 0.37
N PRO B 189 17.50 -20.05 0.52
CA PRO B 189 18.24 -20.55 1.69
C PRO B 189 19.74 -20.27 1.60
N PHE B 190 20.23 -20.01 0.39
CA PHE B 190 21.65 -19.75 0.17
C PHE B 190 21.99 -18.28 0.07
N ARG B 191 21.18 -17.45 0.71
CA ARG B 191 21.38 -16.00 0.69
C ARG B 191 22.76 -15.59 1.18
N GLU B 192 23.16 -16.08 2.36
CA GLU B 192 24.47 -15.70 2.92
C GLU B 192 25.56 -16.76 2.86
N THR B 193 25.34 -17.78 2.04
CA THR B 193 26.29 -18.87 1.87
C THR B 193 27.48 -18.43 1.01
N PRO B 194 28.69 -18.91 1.33
CA PRO B 194 29.87 -18.52 0.55
C PRO B 194 29.69 -19.02 -0.89
N LEU B 195 29.88 -18.14 -1.86
CA LEU B 195 29.73 -18.50 -3.26
C LEU B 195 30.47 -19.80 -3.58
N ARG B 196 31.66 -19.95 -2.99
CA ARG B 196 32.52 -21.11 -3.18
C ARG B 196 31.84 -22.43 -2.77
N ASP B 197 30.82 -22.34 -1.94
CA ASP B 197 30.11 -23.53 -1.48
C ASP B 197 28.82 -23.83 -2.22
N LEU B 198 28.41 -22.93 -3.10
CA LEU B 198 27.17 -23.13 -3.83
C LEU B 198 27.15 -24.42 -4.64
N ALA B 199 28.30 -24.80 -5.18
CA ALA B 199 28.41 -26.00 -6.00
C ALA B 199 28.25 -27.31 -5.25
N THR B 200 28.41 -27.29 -3.93
CA THR B 200 28.28 -28.52 -3.15
C THR B 200 26.95 -28.64 -2.44
N MET B 201 26.12 -27.60 -2.53
CA MET B 201 24.81 -27.64 -1.89
C MET B 201 24.03 -28.87 -2.35
N THR B 202 23.28 -29.46 -1.43
CA THR B 202 22.50 -30.66 -1.75
C THR B 202 21.02 -30.34 -1.98
N PRO B 203 20.28 -31.25 -2.64
CA PRO B 203 18.86 -31.03 -2.89
C PRO B 203 18.08 -30.76 -1.59
N ASP B 204 18.43 -31.47 -0.53
CA ASP B 204 17.74 -31.26 0.74
C ASP B 204 18.02 -29.86 1.28
N GLN B 205 19.25 -29.41 1.14
CA GLN B 205 19.62 -28.08 1.63
C GLN B 205 18.94 -27.02 0.77
N ALA B 206 18.89 -27.24 -0.53
CA ALA B 206 18.28 -26.29 -1.45
C ALA B 206 16.76 -26.23 -1.28
N CYS B 207 16.18 -27.30 -0.78
CA CYS B 207 14.73 -27.34 -0.58
C CYS B 207 14.26 -26.82 0.76
N ARG B 208 15.18 -26.23 1.53
CA ARG B 208 14.79 -25.67 2.80
C ARG B 208 14.40 -24.22 2.50
N HIS B 209 13.12 -24.01 2.21
CA HIS B 209 12.65 -22.66 1.91
C HIS B 209 12.69 -21.85 3.20
N PRO B 210 13.34 -20.67 3.17
CA PRO B 210 13.51 -19.74 4.30
C PRO B 210 12.39 -19.61 5.32
N ASN B 211 11.16 -19.33 4.88
CA ASN B 211 10.06 -19.18 5.83
C ASN B 211 9.05 -20.33 5.79
N TRP B 212 8.11 -20.25 4.87
CA TRP B 212 7.09 -21.30 4.72
C TRP B 212 7.67 -22.40 3.84
N SER B 213 6.98 -23.53 3.76
CA SER B 213 7.45 -24.63 2.95
C SER B 213 6.62 -24.78 1.67
N MET B 214 7.24 -25.36 0.65
CA MET B 214 6.59 -25.57 -0.64
C MET B 214 7.28 -26.70 -1.40
N GLY B 215 6.73 -27.04 -2.57
CA GLY B 215 7.30 -28.10 -3.38
C GLY B 215 8.81 -28.04 -3.56
N ARG B 216 9.42 -29.16 -3.92
CA ARG B 216 10.86 -29.20 -4.10
C ARG B 216 11.32 -28.37 -5.30
N LYS B 217 10.57 -28.46 -6.40
CA LYS B 217 10.90 -27.71 -7.62
C LYS B 217 10.85 -26.20 -7.40
N ILE B 218 9.76 -25.73 -6.80
CA ILE B 218 9.60 -24.30 -6.54
C ILE B 218 10.51 -23.82 -5.42
N SER B 219 11.03 -24.74 -4.62
CA SER B 219 11.95 -24.35 -3.56
C SER B 219 13.28 -24.01 -4.19
N VAL B 220 13.73 -24.85 -5.13
CA VAL B 220 15.00 -24.67 -5.83
C VAL B 220 14.98 -23.39 -6.66
N ASP B 221 13.83 -23.10 -7.26
CA ASP B 221 13.69 -21.88 -8.06
C ASP B 221 13.84 -20.65 -7.16
N SER B 222 13.49 -20.84 -5.89
CA SER B 222 13.59 -19.78 -4.89
C SER B 222 15.04 -19.60 -4.45
N ALA B 223 15.80 -20.69 -4.50
CA ALA B 223 17.21 -20.69 -4.12
C ALA B 223 18.10 -20.12 -5.23
N THR B 224 17.63 -20.19 -6.47
CA THR B 224 18.39 -19.68 -7.61
C THR B 224 17.80 -18.35 -8.03
N MET B 225 16.65 -18.02 -7.45
CA MET B 225 15.90 -16.80 -7.77
C MET B 225 15.36 -16.82 -9.21
N MET B 226 15.33 -18.02 -9.78
CA MET B 226 14.79 -18.22 -11.12
C MET B 226 13.30 -17.85 -11.02
N ASN B 227 12.70 -18.13 -9.86
CA ASN B 227 11.29 -17.83 -9.65
C ASN B 227 11.08 -16.33 -9.74
N LYS B 228 12.06 -15.57 -9.26
CA LYS B 228 11.99 -14.13 -9.31
C LYS B 228 12.23 -13.70 -10.76
N GLY B 229 12.99 -14.52 -11.48
CA GLY B 229 13.26 -14.23 -12.88
C GLY B 229 11.98 -14.44 -13.67
N LEU B 230 11.33 -15.58 -13.47
CA LEU B 230 10.08 -15.84 -14.17
C LEU B 230 9.03 -14.79 -13.83
N GLU B 231 8.95 -14.43 -12.55
CA GLU B 231 7.98 -13.41 -12.10
C GLU B 231 8.27 -12.04 -12.70
N TYR B 232 9.56 -11.76 -12.94
CA TYR B 232 9.99 -10.51 -13.54
C TYR B 232 9.41 -10.47 -14.96
N ILE B 233 9.64 -11.55 -15.70
CA ILE B 233 9.13 -11.66 -17.07
C ILE B 233 7.61 -11.48 -17.09
N GLU B 234 6.93 -12.15 -16.16
CA GLU B 234 5.47 -12.06 -16.07
C GLU B 234 5.01 -10.64 -15.76
N ALA B 235 5.67 -9.99 -14.80
CA ALA B 235 5.32 -8.64 -14.39
C ALA B 235 5.38 -7.65 -15.56
N ARG B 236 6.47 -7.69 -16.30
CA ARG B 236 6.68 -6.82 -17.46
C ARG B 236 5.45 -6.86 -18.38
N TRP B 237 5.00 -8.08 -18.69
CA TRP B 237 3.84 -8.30 -19.54
C TRP B 237 2.55 -7.85 -18.88
N LEU B 238 2.34 -8.33 -17.66
CA LEU B 238 1.15 -8.06 -16.89
C LEU B 238 0.92 -6.58 -16.53
N PHE B 239 1.99 -5.83 -16.31
CA PHE B 239 1.83 -4.43 -15.94
C PHE B 239 2.36 -3.43 -16.97
N ASN B 240 2.63 -3.93 -18.17
CA ASN B 240 3.12 -3.07 -19.25
C ASN B 240 4.32 -2.27 -18.78
N ALA B 241 5.26 -2.96 -18.13
CA ALA B 241 6.44 -2.30 -17.60
C ALA B 241 7.71 -2.54 -18.40
N SER B 242 8.57 -1.52 -18.44
CA SER B 242 9.84 -1.57 -19.13
C SER B 242 10.92 -2.06 -18.16
N ALA B 243 12.14 -2.21 -18.67
CA ALA B 243 13.24 -2.67 -17.85
C ALA B 243 13.52 -1.63 -16.77
N SER B 244 13.41 -0.35 -17.13
CA SER B 244 13.68 0.73 -16.19
C SER B 244 12.54 0.98 -15.22
N GLN B 245 11.44 0.26 -15.40
CA GLN B 245 10.28 0.39 -14.54
C GLN B 245 10.18 -0.82 -13.60
N MET B 246 11.20 -1.67 -13.64
CA MET B 246 11.24 -2.87 -12.81
C MET B 246 12.44 -2.88 -11.87
N GLU B 247 12.22 -3.32 -10.64
CA GLU B 247 13.30 -3.41 -9.66
C GLU B 247 13.10 -4.73 -8.91
N VAL B 248 14.18 -5.45 -8.66
CA VAL B 248 14.11 -6.70 -7.94
C VAL B 248 14.83 -6.46 -6.62
N LEU B 249 14.17 -6.79 -5.52
CA LEU B 249 14.74 -6.54 -4.22
C LEU B 249 14.65 -7.74 -3.29
N ILE B 250 15.75 -8.06 -2.61
CA ILE B 250 15.72 -9.17 -1.68
C ILE B 250 15.17 -8.67 -0.35
N HIS B 251 14.21 -9.42 0.18
CA HIS B 251 13.56 -9.11 1.45
C HIS B 251 13.38 -10.47 2.13
N PRO B 252 14.40 -10.91 2.89
CA PRO B 252 14.45 -12.18 3.60
C PRO B 252 13.21 -12.61 4.39
N GLN B 253 12.54 -11.65 5.02
CA GLN B 253 11.37 -11.98 5.83
C GLN B 253 10.09 -12.30 5.07
N SER B 254 9.98 -11.80 3.83
CA SER B 254 8.79 -12.04 3.04
C SER B 254 7.51 -11.57 3.74
N VAL B 255 7.60 -10.49 4.50
CA VAL B 255 6.42 -9.93 5.17
C VAL B 255 5.79 -9.02 4.13
N ILE B 256 6.63 -8.23 3.46
CA ILE B 256 6.17 -7.36 2.40
C ILE B 256 6.16 -8.27 1.18
N HIS B 257 5.06 -8.26 0.41
CA HIS B 257 4.98 -9.14 -0.75
C HIS B 257 5.43 -8.53 -2.08
N SER B 258 5.55 -7.21 -2.11
CA SER B 258 6.00 -6.45 -3.28
C SER B 258 5.45 -5.04 -3.17
N MET B 259 6.01 -4.13 -3.95
CA MET B 259 5.62 -2.73 -3.85
C MET B 259 5.56 -2.02 -5.19
N VAL B 260 5.11 -0.77 -5.14
CA VAL B 260 5.02 0.10 -6.31
C VAL B 260 5.52 1.49 -5.93
N ARG B 261 6.46 2.00 -6.71
CA ARG B 261 7.06 3.30 -6.46
C ARG B 261 6.31 4.34 -7.29
N TYR B 262 6.02 5.48 -6.68
CA TYR B 262 5.27 6.55 -7.35
C TYR B 262 6.07 7.83 -7.58
N GLN B 263 5.60 8.62 -8.52
CA GLN B 263 6.24 9.87 -8.92
C GLN B 263 6.61 10.82 -7.78
N ASP B 264 5.72 10.98 -6.81
CA ASP B 264 5.98 11.89 -5.69
C ASP B 264 6.86 11.32 -4.58
N GLY B 265 7.42 10.14 -4.82
CA GLY B 265 8.28 9.52 -3.81
C GLY B 265 7.60 8.40 -3.06
N SER B 266 6.27 8.43 -3.01
CA SER B 266 5.51 7.40 -2.31
C SER B 266 5.80 6.01 -2.82
N VAL B 267 5.78 5.06 -1.89
CA VAL B 267 5.95 3.65 -2.22
C VAL B 267 4.80 2.96 -1.50
N LEU B 268 3.95 2.28 -2.25
CA LEU B 268 2.83 1.56 -1.66
C LEU B 268 3.18 0.09 -1.64
N ALA B 269 2.91 -0.57 -0.53
CA ALA B 269 3.24 -1.99 -0.40
C ALA B 269 2.11 -2.80 0.20
N GLN B 270 2.12 -4.10 -0.10
CA GLN B 270 1.13 -5.00 0.46
C GLN B 270 1.91 -5.97 1.35
N LEU B 271 1.36 -6.22 2.52
CA LEU B 271 1.97 -7.13 3.52
C LEU B 271 0.94 -8.15 4.00
N GLY B 272 1.44 -9.22 4.60
CA GLY B 272 0.55 -10.25 5.11
C GLY B 272 1.23 -11.56 5.45
N GLU B 273 0.42 -12.56 5.77
CA GLU B 273 0.90 -13.91 6.11
C GLU B 273 1.19 -14.64 4.82
N PRO B 274 1.93 -15.75 4.88
CA PRO B 274 2.24 -16.49 3.65
C PRO B 274 1.13 -17.43 3.18
N ASP B 275 -0.12 -17.07 3.46
CA ASP B 275 -1.27 -17.90 3.09
C ASP B 275 -1.85 -17.47 1.74
N MET B 276 -1.85 -18.39 0.77
CA MET B 276 -2.37 -18.08 -0.56
C MET B 276 -3.84 -17.66 -0.58
N ARG B 277 -4.58 -18.00 0.47
CA ARG B 277 -6.00 -17.64 0.52
C ARG B 277 -6.21 -16.13 0.46
N THR B 278 -5.22 -15.36 0.94
CA THR B 278 -5.31 -13.90 0.93
C THR B 278 -5.34 -13.34 -0.50
N PRO B 279 -4.30 -13.61 -1.31
CA PRO B 279 -4.35 -13.06 -2.67
C PRO B 279 -5.54 -13.63 -3.43
N ILE B 280 -5.81 -14.92 -3.23
CA ILE B 280 -6.94 -15.56 -3.88
C ILE B 280 -8.25 -14.86 -3.52
N ALA B 281 -8.47 -14.64 -2.23
CA ALA B 281 -9.69 -13.97 -1.77
C ALA B 281 -9.74 -12.57 -2.33
N HIS B 282 -8.58 -11.95 -2.47
CA HIS B 282 -8.51 -10.61 -3.03
C HIS B 282 -9.08 -10.60 -4.45
N THR B 283 -8.57 -11.49 -5.29
CA THR B 283 -9.03 -11.54 -6.67
C THR B 283 -10.50 -11.91 -6.79
N MET B 284 -10.93 -12.91 -6.03
CA MET B 284 -12.32 -13.32 -6.08
C MET B 284 -13.29 -12.21 -5.71
N ALA B 285 -12.95 -11.44 -4.68
CA ALA B 285 -13.82 -10.37 -4.22
C ALA B 285 -13.70 -9.03 -4.94
N TRP B 286 -12.57 -8.81 -5.60
CA TRP B 286 -12.32 -7.55 -6.30
C TRP B 286 -13.54 -7.03 -7.03
N PRO B 287 -13.81 -5.70 -6.95
CA PRO B 287 -13.09 -4.64 -6.25
C PRO B 287 -13.36 -4.52 -4.74
N ASN B 288 -14.06 -5.48 -4.18
CA ASN B 288 -14.34 -5.45 -2.75
C ASN B 288 -13.51 -6.48 -2.01
N ARG B 289 -13.84 -6.76 -0.75
CA ARG B 289 -13.09 -7.73 0.04
C ARG B 289 -14.02 -8.76 0.70
N VAL B 290 -13.45 -9.90 1.09
CA VAL B 290 -14.21 -10.94 1.81
C VAL B 290 -13.27 -11.63 2.80
N ASN B 291 -13.85 -12.35 3.76
CA ASN B 291 -13.07 -13.07 4.75
C ASN B 291 -12.38 -14.21 4.01
N SER B 292 -11.10 -14.42 4.31
CA SER B 292 -10.35 -15.47 3.64
C SER B 292 -9.97 -16.61 4.58
N GLY B 293 -10.14 -16.40 5.87
CA GLY B 293 -9.77 -17.42 6.82
C GLY B 293 -8.35 -17.17 7.31
N VAL B 294 -7.65 -16.27 6.64
CA VAL B 294 -6.28 -15.96 7.03
C VAL B 294 -6.29 -15.04 8.25
N LYS B 295 -5.49 -15.39 9.26
CA LYS B 295 -5.41 -14.58 10.47
C LYS B 295 -4.65 -13.28 10.24
N PRO B 296 -5.04 -12.22 10.97
CA PRO B 296 -4.41 -10.91 10.85
C PRO B 296 -2.91 -10.93 11.19
N LEU B 297 -2.11 -10.27 10.36
CA LEU B 297 -0.68 -10.20 10.56
C LEU B 297 -0.41 -9.48 11.88
N ASP B 298 0.35 -10.13 12.76
CA ASP B 298 0.68 -9.54 14.06
C ASP B 298 2.05 -8.88 13.99
N PHE B 299 2.05 -7.54 13.90
CA PHE B 299 3.28 -6.77 13.80
C PHE B 299 4.19 -6.81 15.00
N CYS B 300 3.69 -7.34 16.12
CA CYS B 300 4.51 -7.43 17.32
C CYS B 300 5.25 -8.76 17.40
N LYS B 301 5.02 -9.64 16.42
CA LYS B 301 5.69 -10.94 16.39
C LYS B 301 6.42 -11.16 15.07
N LEU B 302 7.05 -10.10 14.58
CA LEU B 302 7.79 -10.14 13.32
C LEU B 302 9.28 -10.00 13.55
N SER B 303 10.05 -10.48 12.59
CA SER B 303 11.50 -10.35 12.64
C SER B 303 11.74 -8.99 12.00
N ALA B 304 12.84 -8.33 12.37
CA ALA B 304 13.15 -7.03 11.81
C ALA B 304 13.16 -7.17 10.28
N LEU B 305 12.51 -6.22 9.61
CA LEU B 305 12.43 -6.25 8.15
C LEU B 305 13.62 -5.62 7.47
N THR B 306 14.31 -6.40 6.63
CA THR B 306 15.48 -5.90 5.93
C THR B 306 15.37 -6.07 4.42
N PHE B 307 16.27 -5.40 3.70
CA PHE B 307 16.27 -5.43 2.24
C PHE B 307 17.72 -5.46 1.75
N ALA B 308 17.88 -5.81 0.47
CA ALA B 308 19.20 -5.87 -0.15
C ALA B 308 19.03 -6.05 -1.65
N ALA B 309 20.08 -5.71 -2.41
CA ALA B 309 20.04 -5.87 -3.86
C ALA B 309 20.56 -7.24 -4.25
N PRO B 310 19.92 -7.88 -5.23
CA PRO B 310 20.35 -9.21 -5.68
C PRO B 310 21.72 -9.15 -6.36
N ASP B 311 22.63 -10.01 -5.92
CA ASP B 311 23.97 -10.10 -6.50
C ASP B 311 23.89 -11.11 -7.64
N TYR B 312 24.13 -10.67 -8.88
CA TYR B 312 24.06 -11.55 -10.04
C TYR B 312 25.05 -12.72 -10.06
N ASP B 313 26.14 -12.64 -9.31
CA ASP B 313 27.10 -13.75 -9.28
C ASP B 313 26.50 -14.84 -8.42
N ARG B 314 25.62 -14.43 -7.52
CA ARG B 314 24.95 -15.37 -6.61
C ARG B 314 23.65 -15.88 -7.22
N TYR B 315 23.06 -15.08 -8.12
CA TYR B 315 21.79 -15.45 -8.76
C TYR B 315 21.81 -15.23 -10.27
N PRO B 316 22.71 -15.92 -10.98
CA PRO B 316 22.78 -15.75 -12.44
C PRO B 316 21.45 -16.01 -13.15
N CYS B 317 20.62 -16.89 -12.60
CA CYS B 317 19.32 -17.19 -13.22
C CYS B 317 18.46 -15.94 -13.32
N LEU B 318 18.55 -15.09 -12.31
CA LEU B 318 17.78 -13.84 -12.28
C LEU B 318 18.20 -12.91 -13.42
N LYS B 319 19.52 -12.83 -13.67
CA LYS B 319 20.02 -11.98 -14.76
C LYS B 319 19.67 -12.66 -16.08
N LEU B 320 19.80 -13.98 -16.09
CA LEU B 320 19.50 -14.77 -17.27
C LEU B 320 18.05 -14.55 -17.74
N ALA B 321 17.11 -14.46 -16.79
CA ALA B 321 15.70 -14.25 -17.11
C ALA B 321 15.45 -12.87 -17.73
N MET B 322 16.05 -11.84 -17.11
CA MET B 322 15.92 -10.47 -17.60
C MET B 322 16.48 -10.39 -19.03
N GLU B 323 17.62 -11.02 -19.27
CA GLU B 323 18.24 -11.02 -20.60
C GLU B 323 17.33 -11.68 -21.62
N ALA B 324 16.73 -12.80 -21.23
CA ALA B 324 15.84 -13.52 -22.12
C ALA B 324 14.62 -12.68 -22.47
N PHE B 325 14.09 -11.93 -21.51
CA PHE B 325 12.92 -11.11 -21.81
C PHE B 325 13.23 -10.18 -22.97
N GLU B 326 14.41 -9.58 -22.93
CA GLU B 326 14.81 -8.66 -23.99
C GLU B 326 14.99 -9.41 -25.31
N GLN B 327 15.28 -10.70 -25.21
CA GLN B 327 15.49 -11.52 -26.41
C GLN B 327 14.18 -11.92 -27.09
N GLY B 328 13.09 -12.03 -26.32
CA GLY B 328 11.81 -12.40 -26.91
C GLY B 328 11.12 -13.58 -26.23
N GLN B 329 9.90 -13.87 -26.65
CA GLN B 329 9.14 -14.97 -26.07
C GLN B 329 9.76 -16.33 -26.35
N ALA B 330 10.47 -16.46 -27.47
CA ALA B 330 11.12 -17.73 -27.80
C ALA B 330 12.16 -18.01 -26.72
N ALA B 331 12.85 -16.96 -26.29
CA ALA B 331 13.88 -17.08 -25.26
C ALA B 331 13.26 -17.42 -23.89
N THR B 332 12.24 -16.66 -23.48
CA THR B 332 11.62 -16.91 -22.18
C THR B 332 11.04 -18.32 -22.04
N THR B 333 10.30 -18.80 -23.05
CA THR B 333 9.74 -20.14 -22.92
C THR B 333 10.84 -21.20 -22.95
N ALA B 334 11.94 -20.92 -23.64
CA ALA B 334 13.04 -21.88 -23.69
C ALA B 334 13.71 -21.94 -22.32
N LEU B 335 13.88 -20.77 -21.72
CA LEU B 335 14.51 -20.67 -20.41
C LEU B 335 13.66 -21.46 -19.41
N ASN B 336 12.34 -21.26 -19.47
CA ASN B 336 11.43 -21.94 -18.56
C ASN B 336 11.54 -23.45 -18.73
N ALA B 337 11.50 -23.90 -19.98
CA ALA B 337 11.59 -25.33 -20.26
C ALA B 337 12.91 -25.91 -19.77
N ALA B 338 14.01 -25.24 -20.13
CA ALA B 338 15.33 -25.72 -19.73
C ALA B 338 15.46 -25.82 -18.23
N ASN B 339 14.99 -24.78 -17.53
CA ASN B 339 15.08 -24.77 -16.09
C ASN B 339 14.30 -25.93 -15.49
N GLU B 340 13.20 -26.28 -16.12
CA GLU B 340 12.40 -27.39 -15.61
C GLU B 340 13.20 -28.69 -15.73
N ILE B 341 14.03 -28.79 -16.77
CA ILE B 341 14.82 -29.98 -16.96
C ILE B 341 16.03 -30.03 -16.02
N THR B 342 16.70 -28.90 -15.87
CA THR B 342 17.89 -28.85 -15.02
C THR B 342 17.56 -28.94 -13.52
N VAL B 343 16.42 -28.40 -13.11
CA VAL B 343 16.05 -28.46 -11.70
C VAL B 343 15.74 -29.91 -11.35
N ALA B 344 14.97 -30.58 -12.19
CA ALA B 344 14.62 -31.98 -11.95
C ALA B 344 15.90 -32.81 -11.91
N ALA B 345 16.85 -32.49 -12.78
CA ALA B 345 18.13 -33.19 -12.83
C ALA B 345 18.90 -32.98 -11.52
N PHE B 346 18.93 -31.73 -11.05
CA PHE B 346 19.60 -31.42 -9.80
C PHE B 346 18.97 -32.19 -8.65
N LEU B 347 17.64 -32.20 -8.62
CA LEU B 347 16.92 -32.90 -7.56
C LEU B 347 17.18 -34.41 -7.62
N ALA B 348 17.36 -34.95 -8.81
CA ALA B 348 17.63 -36.37 -8.98
C ALA B 348 19.13 -36.60 -8.82
N GLN B 349 19.81 -35.56 -8.36
CA GLN B 349 21.26 -35.61 -8.14
C GLN B 349 22.09 -35.93 -9.37
N GLN B 350 21.61 -35.52 -10.55
CA GLN B 350 22.35 -35.77 -11.79
C GLN B 350 23.35 -34.63 -12.04
N ILE B 351 23.04 -33.44 -11.56
CA ILE B 351 23.93 -32.29 -11.74
C ILE B 351 24.04 -31.47 -10.46
N ARG B 352 25.07 -30.62 -10.39
CA ARG B 352 25.28 -29.78 -9.21
C ARG B 352 24.38 -28.54 -9.21
N PHE B 353 24.08 -28.04 -8.02
CA PHE B 353 23.23 -26.86 -7.86
C PHE B 353 23.59 -25.75 -8.82
N THR B 354 24.88 -25.49 -8.96
CA THR B 354 25.38 -24.43 -9.83
C THR B 354 25.27 -24.74 -11.32
N ASP B 355 25.09 -26.02 -11.67
CA ASP B 355 24.95 -26.42 -13.07
C ASP B 355 23.62 -25.96 -13.64
N ILE B 356 22.64 -25.74 -12.76
CA ILE B 356 21.32 -25.28 -13.15
C ILE B 356 21.45 -24.01 -14.00
N ALA B 357 22.08 -22.99 -13.45
CA ALA B 357 22.24 -21.74 -14.19
C ALA B 357 23.09 -21.95 -15.45
N ALA B 358 24.22 -22.61 -15.32
CA ALA B 358 25.12 -22.87 -16.45
C ALA B 358 24.40 -23.57 -17.61
N LEU B 359 23.68 -24.65 -17.29
CA LEU B 359 22.96 -25.38 -18.31
C LEU B 359 21.78 -24.58 -18.89
N ASN B 360 21.11 -23.79 -18.05
CA ASN B 360 20.01 -22.97 -18.55
C ASN B 360 20.54 -21.99 -19.59
N LEU B 361 21.69 -21.39 -19.29
CA LEU B 361 22.31 -20.44 -20.19
C LEU B 361 22.74 -21.13 -21.49
N SER B 362 23.31 -22.32 -21.34
CA SER B 362 23.79 -23.08 -22.48
C SER B 362 22.67 -23.43 -23.46
N VAL B 363 21.49 -23.76 -22.94
CA VAL B 363 20.36 -24.10 -23.79
C VAL B 363 19.89 -22.85 -24.55
N LEU B 364 19.86 -21.72 -23.85
CA LEU B 364 19.44 -20.47 -24.46
C LEU B 364 20.34 -20.11 -25.65
N GLU B 365 21.64 -20.32 -25.48
CA GLU B 365 22.61 -20.01 -26.53
C GLU B 365 22.37 -20.84 -27.79
N LYS B 366 22.16 -22.14 -27.60
CA LYS B 366 21.93 -23.06 -28.71
C LYS B 366 20.58 -22.89 -29.41
N MET B 367 19.57 -22.43 -28.69
CA MET B 367 18.24 -22.25 -29.25
C MET B 367 18.19 -21.48 -30.57
N ASP B 368 18.02 -20.17 -30.49
CA ASP B 368 17.94 -19.34 -31.69
C ASP B 368 16.78 -19.79 -32.58
N MET B 369 15.55 -19.64 -32.09
CA MET B 369 14.37 -20.03 -32.86
C MET B 369 13.46 -18.84 -33.19
N ARG B 370 12.52 -19.08 -34.11
CA ARG B 370 11.57 -18.06 -34.54
C ARG B 370 10.51 -17.77 -33.47
N GLU B 371 10.32 -16.49 -33.15
CA GLU B 371 9.34 -16.10 -32.15
C GLU B 371 7.97 -16.71 -32.45
N PRO B 372 7.42 -17.48 -31.51
CA PRO B 372 6.12 -18.13 -31.66
C PRO B 372 5.00 -17.14 -31.95
N GLN B 373 4.09 -17.52 -32.84
CA GLN B 373 2.96 -16.66 -33.18
C GLN B 373 1.68 -17.20 -32.56
N CYS B 374 1.69 -18.48 -32.18
CA CYS B 374 0.54 -19.12 -31.56
C CYS B 374 0.97 -20.13 -30.51
N VAL B 375 0.01 -20.66 -29.76
CA VAL B 375 0.29 -21.63 -28.71
C VAL B 375 1.04 -22.85 -29.20
N ASP B 376 0.60 -23.40 -30.35
CA ASP B 376 1.25 -24.57 -30.94
C ASP B 376 2.72 -24.30 -31.20
N ASP B 377 3.04 -23.05 -31.54
CA ASP B 377 4.43 -22.67 -31.79
C ASP B 377 5.18 -22.64 -30.46
N VAL B 378 4.51 -22.12 -29.43
CA VAL B 378 5.09 -22.05 -28.10
C VAL B 378 5.47 -23.47 -27.69
N LEU B 379 4.53 -24.39 -27.91
CA LEU B 379 4.72 -25.80 -27.58
C LEU B 379 5.98 -26.39 -28.20
N SER B 380 6.21 -26.09 -29.47
CA SER B 380 7.39 -26.60 -30.17
C SER B 380 8.69 -26.09 -29.56
N VAL B 381 8.76 -24.78 -29.35
CA VAL B 381 9.96 -24.19 -28.75
C VAL B 381 10.22 -24.90 -27.43
N ASP B 382 9.17 -25.04 -26.64
CA ASP B 382 9.26 -25.70 -25.35
C ASP B 382 9.84 -27.10 -25.50
N ALA B 383 9.22 -27.89 -26.37
CA ALA B 383 9.63 -29.27 -26.63
C ALA B 383 11.09 -29.34 -27.08
N ASN B 384 11.51 -28.37 -27.90
CA ASN B 384 12.88 -28.35 -28.38
C ASN B 384 13.87 -27.97 -27.27
N ALA B 385 13.46 -27.10 -26.36
CA ALA B 385 14.31 -26.67 -25.26
C ALA B 385 14.54 -27.79 -24.26
N ARG B 386 13.49 -28.57 -23.97
CA ARG B 386 13.63 -29.66 -23.01
C ARG B 386 14.61 -30.72 -23.50
N GLU B 387 14.53 -31.09 -24.78
CA GLU B 387 15.45 -32.09 -25.29
C GLU B 387 16.89 -31.57 -25.30
N VAL B 388 17.09 -30.31 -25.65
CA VAL B 388 18.43 -29.77 -25.64
C VAL B 388 18.96 -29.81 -24.21
N ALA B 389 18.11 -29.47 -23.26
CA ALA B 389 18.50 -29.48 -21.85
C ALA B 389 18.81 -30.91 -21.41
N ARG B 390 17.93 -31.84 -21.81
CA ARG B 390 18.12 -33.25 -21.47
C ARG B 390 19.43 -33.79 -22.00
N LYS B 391 19.78 -33.38 -23.21
CA LYS B 391 21.03 -33.84 -23.80
C LYS B 391 22.22 -33.31 -22.99
N GLU B 392 22.18 -32.02 -22.66
CA GLU B 392 23.28 -31.42 -21.91
C GLU B 392 23.41 -32.05 -20.54
N VAL B 393 22.29 -32.28 -19.88
CA VAL B 393 22.34 -32.93 -18.58
C VAL B 393 23.02 -34.28 -18.74
N MET B 394 22.61 -35.03 -19.77
CA MET B 394 23.18 -36.34 -20.04
C MET B 394 24.67 -36.29 -20.39
N ARG B 395 25.05 -35.43 -21.32
CA ARG B 395 26.45 -35.35 -21.71
C ARG B 395 27.28 -34.78 -20.56
N LEU B 396 26.61 -34.20 -19.57
CA LEU B 396 27.27 -33.63 -18.42
C LEU B 396 27.58 -34.74 -17.42
N ALA B 397 26.57 -35.55 -17.12
CA ALA B 397 26.70 -36.65 -16.17
C ALA B 397 27.35 -37.90 -16.79
N SER B 398 27.73 -37.82 -18.06
CA SER B 398 28.35 -38.95 -18.73
C SER B 398 29.87 -38.89 -18.63
#